data_6E1X
#
_entry.id   6E1X
#
_cell.length_a   185.979
_cell.length_b   186.502
_cell.length_c   73.722
_cell.angle_alpha   90.00
_cell.angle_beta   90.00
_cell.angle_gamma   90.00
#
_symmetry.space_group_name_H-M   'C 2 2 2'
#
loop_
_entity.id
_entity.type
_entity.pdbx_description
1 polymer 'Spermidine N(1)-acetyltransferase'
2 non-polymer SPERMINE
3 non-polymer N-[3-({4-[(3-aminopropyl)amino]butyl}amino)propyl]acetamide
4 non-polymer (4R)-2-METHYLPENTANE-2,4-DIOL
5 non-polymer 2-AMINO-2-HYDROXYMETHYL-PROPANE-1,3-DIOL
6 non-polymer (4S)-2-METHYL-2,4-PENTANEDIOL
7 non-polymer N-{3-[(4-aminobutyl)amino]propyl}acetamide
8 water water
#
_entity_poly.entity_id   1
_entity_poly.type   'polypeptide(L)'
_entity_poly.pdbx_seq_one_letter_code
;SNAMNSQLTLRALERGDLRFIHNLNNNRNIMSYWFEEPYESFDELEELYNKHIHDNAERRFVVEDAQKNLIGLVELIEIN
YIHRSAEFQIIIAPEHQGKGFARTLINRALDYSFTILNLHKIYLHVAVENPKAVHLYEECGFVEEGHLVEEFFINGRYQD
VKRMYILQSKYLNRSE
;
_entity_poly.pdbx_strand_id   A,B,C,D,E,F
#
# COMPACT_ATOMS: atom_id res chain seq x y z
N ASN A 5 -43.95 22.04 19.82
CA ASN A 5 -43.01 20.92 19.66
C ASN A 5 -43.39 19.68 20.47
N SER A 6 -43.85 19.87 21.71
CA SER A 6 -44.30 18.71 22.53
C SER A 6 -45.55 18.02 21.97
N GLN A 7 -46.27 18.74 21.09
CA GLN A 7 -47.48 18.21 20.45
C GLN A 7 -47.20 17.38 19.19
N LEU A 8 -45.96 17.37 18.71
CA LEU A 8 -45.59 16.56 17.54
C LEU A 8 -45.34 15.12 17.96
N THR A 9 -45.94 14.19 17.20
CA THR A 9 -45.85 12.76 17.53
C THR A 9 -45.38 11.97 16.32
N LEU A 10 -44.63 10.92 16.58
CA LEU A 10 -44.23 9.93 15.59
C LEU A 10 -45.20 8.75 15.66
N ARG A 11 -45.57 8.23 14.50
CA ARG A 11 -46.25 6.94 14.44
C ARG A 11 -45.83 6.20 13.19
N ALA A 12 -46.11 4.90 13.19
CA ALA A 12 -45.82 4.08 12.01
C ALA A 12 -46.52 4.58 10.78
N LEU A 13 -45.81 4.53 9.66
CA LEU A 13 -46.41 4.81 8.35
C LEU A 13 -47.54 3.79 8.10
N GLU A 14 -48.64 4.27 7.53
CA GLU A 14 -49.78 3.43 7.15
C GLU A 14 -50.15 3.66 5.70
N ARG A 15 -50.95 2.76 5.14
CA ARG A 15 -51.33 2.84 3.73
C ARG A 15 -52.06 4.15 3.41
N GLY A 16 -52.87 4.62 4.34
CA GLY A 16 -53.57 5.88 4.16
C GLY A 16 -52.72 7.13 4.10
N ASP A 17 -51.45 7.02 4.48
CA ASP A 17 -50.50 8.11 4.44
C ASP A 17 -49.77 8.20 3.10
N LEU A 18 -49.99 7.24 2.20
CA LEU A 18 -49.11 7.15 1.04
C LEU A 18 -49.30 8.31 0.04
N ARG A 19 -50.48 8.91 -0.05
CA ARG A 19 -50.64 10.06 -0.94
C ARG A 19 -49.75 11.26 -0.45
N PHE A 20 -49.61 11.42 0.86
CA PHE A 20 -48.70 12.41 1.43
C PHE A 20 -47.25 12.13 1.01
N ILE A 21 -46.85 10.87 1.17
N ILE A 21 -46.84 10.88 1.17
CA ILE A 21 -45.47 10.48 0.79
CA ILE A 21 -45.47 10.48 0.79
C ILE A 21 -45.24 10.67 -0.71
C ILE A 21 -45.24 10.67 -0.71
N HIS A 22 -46.23 10.33 -1.52
CA HIS A 22 -46.13 10.49 -2.97
C HIS A 22 -45.82 11.94 -3.36
N ASN A 23 -46.48 12.89 -2.69
N ASN A 23 -46.48 12.89 -2.69
CA ASN A 23 -46.19 14.29 -2.97
CA ASN A 23 -46.19 14.29 -2.97
C ASN A 23 -44.70 14.64 -2.67
C ASN A 23 -44.70 14.64 -2.67
N LEU A 24 -44.19 14.13 -1.57
CA LEU A 24 -42.82 14.41 -1.18
C LEU A 24 -41.82 13.77 -2.17
N ASN A 25 -42.15 12.54 -2.61
CA ASN A 25 -41.16 11.73 -3.36
C ASN A 25 -41.09 12.18 -4.82
N ASN A 26 -42.02 13.04 -5.24
CA ASN A 26 -42.00 13.64 -6.57
C ASN A 26 -41.59 15.09 -6.56
N ASN A 27 -41.06 15.58 -5.43
CA ASN A 27 -40.63 16.98 -5.28
C ASN A 27 -39.10 17.05 -5.45
N ARG A 28 -38.64 17.73 -6.51
CA ARG A 28 -37.22 17.78 -6.82
C ARG A 28 -36.34 18.29 -5.67
N ASN A 29 -36.82 19.38 -5.06
CA ASN A 29 -36.04 19.99 -4.00
C ASN A 29 -35.93 19.08 -2.79
N ILE A 30 -37.06 18.49 -2.41
CA ILE A 30 -37.05 17.58 -1.25
CA ILE A 30 -37.05 17.58 -1.25
C ILE A 30 -36.18 16.36 -1.50
C ILE A 30 -36.18 16.36 -1.50
N MET A 31 -36.33 15.73 -2.68
CA MET A 31 -35.58 14.51 -2.97
C MET A 31 -34.10 14.78 -3.11
N SER A 32 -33.69 15.98 -3.48
CA SER A 32 -32.24 16.29 -3.49
C SER A 32 -31.55 16.07 -2.12
N TYR A 33 -32.30 16.33 -1.04
CA TYR A 33 -31.77 16.10 0.32
C TYR A 33 -31.56 14.63 0.63
N TRP A 34 -32.26 13.76 -0.10
CA TRP A 34 -32.13 12.32 0.02
C TRP A 34 -31.30 11.71 -1.10
N PHE A 35 -30.69 12.54 -1.92
CA PHE A 35 -29.79 12.07 -2.99
C PHE A 35 -30.57 11.21 -3.99
N GLU A 36 -31.84 11.48 -4.15
N GLU A 36 -31.84 11.48 -4.14
CA GLU A 36 -32.76 10.62 -4.88
CA GLU A 36 -32.75 10.62 -4.89
C GLU A 36 -33.32 11.37 -6.07
C GLU A 36 -33.32 11.37 -6.07
N GLU A 37 -33.74 10.56 -7.02
CA GLU A 37 -34.49 10.98 -8.13
C GLU A 37 -35.90 11.36 -7.71
N PRO A 38 -36.42 12.49 -8.19
CA PRO A 38 -37.84 12.87 -7.89
C PRO A 38 -38.88 12.30 -8.88
N TYR A 39 -39.00 11.00 -8.90
CA TYR A 39 -39.93 10.32 -9.80
C TYR A 39 -40.37 9.08 -9.11
N GLU A 40 -41.67 8.96 -8.78
CA GLU A 40 -42.15 7.70 -8.22
C GLU A 40 -43.64 7.67 -8.42
N SER A 41 -44.12 6.78 -9.28
CA SER A 41 -45.57 6.61 -9.42
C SER A 41 -46.18 6.14 -8.13
N PHE A 42 -47.48 6.40 -7.97
CA PHE A 42 -48.17 5.90 -6.79
C PHE A 42 -48.07 4.40 -6.71
N ASP A 43 -48.11 3.73 -7.86
CA ASP A 43 -48.04 2.25 -7.88
C ASP A 43 -46.66 1.75 -7.48
N GLU A 44 -45.57 2.42 -7.89
CA GLU A 44 -44.24 2.00 -7.42
C GLU A 44 -44.17 2.16 -5.88
N LEU A 45 -44.60 3.33 -5.40
CA LEU A 45 -44.61 3.60 -3.96
C LEU A 45 -45.38 2.54 -3.15
N GLU A 46 -46.60 2.26 -3.62
CA GLU A 46 -47.47 1.34 -2.89
C GLU A 46 -46.95 -0.11 -2.98
N GLU A 47 -46.46 -0.52 -4.15
CA GLU A 47 -45.94 -1.88 -4.27
C GLU A 47 -44.66 -2.06 -3.43
N LEU A 48 -43.83 -1.04 -3.35
CA LEU A 48 -42.64 -1.13 -2.45
C LEU A 48 -43.06 -1.15 -1.00
N TYR A 49 -44.07 -0.35 -0.63
CA TYR A 49 -44.62 -0.40 0.72
C TYR A 49 -45.07 -1.84 1.03
N ASN A 50 -45.82 -2.45 0.10
CA ASN A 50 -46.30 -3.81 0.29
C ASN A 50 -45.14 -4.80 0.48
N LYS A 51 -44.11 -4.66 -0.35
CA LYS A 51 -42.98 -5.58 -0.33
C LYS A 51 -42.26 -5.57 1.03
N HIS A 52 -42.22 -4.40 1.68
CA HIS A 52 -41.46 -4.24 2.91
C HIS A 52 -42.28 -4.29 4.21
N ILE A 53 -43.54 -4.69 4.14
N ILE A 53 -43.54 -4.69 4.14
CA ILE A 53 -44.38 -4.74 5.34
CA ILE A 53 -44.38 -4.74 5.34
C ILE A 53 -43.68 -5.46 6.49
C ILE A 53 -43.68 -5.46 6.49
N HIS A 54 -43.08 -6.62 6.22
CA HIS A 54 -42.45 -7.43 7.28
C HIS A 54 -40.94 -7.26 7.35
N ASP A 55 -40.39 -6.28 6.66
CA ASP A 55 -38.93 -6.06 6.67
C ASP A 55 -38.49 -5.46 7.98
N ASN A 56 -37.74 -6.23 8.76
N ASN A 56 -37.74 -6.21 8.76
CA ASN A 56 -37.32 -5.75 10.08
CA ASN A 56 -37.31 -5.78 10.08
C ASN A 56 -36.15 -4.77 10.06
C ASN A 56 -36.15 -4.77 10.06
N ALA A 57 -35.58 -4.54 8.89
CA ALA A 57 -34.37 -3.66 8.77
C ALA A 57 -34.70 -2.17 8.62
N GLU A 58 -35.99 -1.81 8.63
CA GLU A 58 -36.38 -0.41 8.53
C GLU A 58 -37.54 -0.12 9.46
N ARG A 59 -37.65 1.15 9.84
CA ARG A 59 -38.82 1.68 10.53
C ARG A 59 -39.12 3.05 9.89
N ARG A 60 -40.30 3.14 9.29
CA ARG A 60 -40.74 4.37 8.64
C ARG A 60 -41.86 5.01 9.47
N PHE A 61 -41.65 6.28 9.82
CA PHE A 61 -42.61 7.00 10.64
C PHE A 61 -43.13 8.23 9.90
N VAL A 62 -44.39 8.54 10.20
CA VAL A 62 -44.93 9.87 9.86
C VAL A 62 -45.05 10.67 11.14
N VAL A 63 -44.97 11.99 10.95
CA VAL A 63 -44.98 12.93 12.06
C VAL A 63 -46.28 13.72 11.93
N GLU A 64 -47.03 13.77 13.04
CA GLU A 64 -48.30 14.47 13.04
C GLU A 64 -48.31 15.50 14.17
N ASP A 65 -49.07 16.57 13.97
CA ASP A 65 -49.29 17.52 15.07
C ASP A 65 -50.53 17.11 15.87
N ALA A 66 -50.95 17.93 16.83
CA ALA A 66 -52.08 17.59 17.68
C ALA A 66 -53.41 17.48 16.92
N GLN A 67 -53.53 18.20 15.80
CA GLN A 67 -54.72 18.15 14.94
C GLN A 67 -54.66 17.03 13.88
N LYS A 68 -53.61 16.20 13.92
CA LYS A 68 -53.38 15.10 12.95
C LYS A 68 -53.05 15.60 11.52
N ASN A 69 -52.56 16.84 11.40
CA ASN A 69 -51.92 17.27 10.16
C ASN A 69 -50.61 16.50 10.02
N LEU A 70 -50.33 16.00 8.80
CA LEU A 70 -49.05 15.38 8.51
C LEU A 70 -47.98 16.44 8.27
N ILE A 71 -46.95 16.40 9.11
CA ILE A 71 -45.87 17.36 9.16
C ILE A 71 -44.67 16.91 8.33
N GLY A 72 -44.40 15.61 8.35
CA GLY A 72 -43.14 15.15 7.76
C GLY A 72 -42.99 13.67 8.02
N LEU A 73 -41.77 13.19 7.79
CA LEU A 73 -41.44 11.82 7.99
C LEU A 73 -40.07 11.67 8.57
N VAL A 74 -39.89 10.58 9.32
N VAL A 74 -39.91 10.62 9.40
CA VAL A 74 -38.60 10.19 9.83
CA VAL A 74 -38.58 10.20 9.82
C VAL A 74 -38.45 8.72 9.56
C VAL A 74 -38.45 8.72 9.57
N GLU A 75 -37.27 8.28 9.13
CA GLU A 75 -37.03 6.87 8.94
C GLU A 75 -35.69 6.45 9.51
N LEU A 76 -35.66 5.20 9.97
CA LEU A 76 -34.43 4.51 10.38
C LEU A 76 -34.31 3.33 9.42
N ILE A 77 -33.18 3.30 8.67
CA ILE A 77 -33.01 2.28 7.64
C ILE A 77 -31.68 1.56 7.82
N GLU A 78 -31.52 0.44 7.12
CA GLU A 78 -30.29 -0.36 7.21
C GLU A 78 -30.00 -0.73 8.65
N ILE A 79 -31.04 -1.06 9.40
CA ILE A 79 -30.86 -1.41 10.80
C ILE A 79 -30.13 -2.76 10.87
N ASN A 80 -29.00 -2.81 11.56
CA ASN A 80 -28.12 -3.98 11.51
C ASN A 80 -28.13 -4.72 12.84
N TYR A 81 -28.46 -6.04 12.72
CA TYR A 81 -28.66 -7.01 13.80
C TYR A 81 -27.41 -7.26 14.71
N ILE A 82 -26.21 -7.17 14.09
CA ILE A 82 -24.98 -7.39 14.81
C ILE A 82 -24.37 -6.06 15.30
N HIS A 83 -24.19 -5.16 14.33
CA HIS A 83 -23.43 -3.92 14.59
C HIS A 83 -24.27 -2.92 15.32
N ARG A 84 -25.60 -3.09 15.34
CA ARG A 84 -26.48 -2.21 16.11
C ARG A 84 -26.38 -0.77 15.65
N SER A 85 -26.37 -0.59 14.33
CA SER A 85 -26.33 0.73 13.73
C SER A 85 -27.53 0.88 12.80
N ALA A 86 -27.87 2.14 12.51
CA ALA A 86 -28.88 2.47 11.52
C ALA A 86 -28.62 3.86 10.97
N GLU A 87 -29.14 4.09 9.75
CA GLU A 87 -29.10 5.38 9.13
C GLU A 87 -30.41 6.12 9.38
N PHE A 88 -30.29 7.40 9.77
CA PHE A 88 -31.43 8.29 9.98
C PHE A 88 -31.68 9.17 8.76
N GLN A 89 -32.95 9.37 8.44
CA GLN A 89 -33.32 10.32 7.38
C GLN A 89 -34.64 10.99 7.71
N ILE A 90 -34.81 12.23 7.24
CA ILE A 90 -35.92 13.10 7.64
C ILE A 90 -36.38 13.92 6.45
N ILE A 91 -37.71 14.14 6.37
CA ILE A 91 -38.29 15.14 5.49
C ILE A 91 -39.31 15.95 6.27
N ILE A 92 -39.27 17.27 6.17
CA ILE A 92 -40.36 18.09 6.66
C ILE A 92 -41.09 18.62 5.41
N ALA A 93 -42.42 18.50 5.41
CA ALA A 93 -43.24 18.96 4.29
C ALA A 93 -43.01 20.45 4.06
N PRO A 94 -42.99 20.89 2.78
CA PRO A 94 -42.68 22.30 2.49
C PRO A 94 -43.46 23.31 3.34
N GLU A 95 -44.75 23.07 3.55
CA GLU A 95 -45.58 24.03 4.30
C GLU A 95 -45.20 24.11 5.79
N HIS A 96 -44.45 23.13 6.30
CA HIS A 96 -44.05 23.13 7.72
C HIS A 96 -42.56 23.37 7.95
N GLN A 97 -41.82 23.60 6.87
CA GLN A 97 -40.39 23.90 6.96
C GLN A 97 -40.21 25.26 7.58
N GLY A 98 -39.15 25.42 8.36
CA GLY A 98 -38.82 26.71 8.92
C GLY A 98 -39.63 27.12 10.13
N LYS A 99 -40.26 26.12 10.77
CA LYS A 99 -41.06 26.36 11.98
C LYS A 99 -40.34 25.93 13.26
N GLY A 100 -39.09 25.46 13.13
CA GLY A 100 -38.34 24.99 14.28
C GLY A 100 -38.69 23.56 14.72
N PHE A 101 -39.37 22.76 13.87
CA PHE A 101 -39.76 21.42 14.22
C PHE A 101 -38.66 20.36 14.09
N ALA A 102 -37.64 20.63 13.30
CA ALA A 102 -36.68 19.60 12.97
C ALA A 102 -35.94 19.06 14.19
N ARG A 103 -35.53 19.92 15.12
CA ARG A 103 -34.84 19.46 16.31
C ARG A 103 -35.64 18.40 17.07
N THR A 104 -36.93 18.69 17.22
CA THR A 104 -37.82 17.78 17.93
C THR A 104 -37.90 16.43 17.22
N LEU A 105 -38.04 16.45 15.90
N LEU A 105 -38.04 16.45 15.90
CA LEU A 105 -38.13 15.21 15.13
CA LEU A 105 -38.13 15.21 15.13
C LEU A 105 -36.84 14.40 15.23
C LEU A 105 -36.84 14.40 15.23
N ILE A 106 -35.69 15.06 15.14
CA ILE A 106 -34.42 14.38 15.29
C ILE A 106 -34.36 13.72 16.68
N ASN A 107 -34.71 14.49 17.73
N ASN A 107 -34.72 14.48 17.72
CA ASN A 107 -34.65 13.94 19.07
CA ASN A 107 -34.67 13.94 19.07
C ASN A 107 -35.61 12.74 19.25
C ASN A 107 -35.62 12.75 19.25
N ARG A 108 -36.79 12.80 18.64
N ARG A 108 -36.80 12.79 18.65
CA ARG A 108 -37.73 11.68 18.73
CA ARG A 108 -37.74 11.67 18.73
C ARG A 108 -37.16 10.43 18.04
C ARG A 108 -37.16 10.43 18.04
N ALA A 109 -36.48 10.61 16.92
CA ALA A 109 -35.83 9.49 16.24
C ALA A 109 -34.70 8.88 17.05
N LEU A 110 -33.91 9.72 17.71
CA LEU A 110 -32.83 9.21 18.56
C LEU A 110 -33.41 8.52 19.80
N ASP A 111 -34.47 9.08 20.40
CA ASP A 111 -35.13 8.44 21.51
C ASP A 111 -35.58 7.01 21.08
N TYR A 112 -36.21 6.91 19.92
CA TYR A 112 -36.70 5.60 19.48
C TYR A 112 -35.50 4.62 19.31
N SER A 113 -34.47 5.13 18.64
CA SER A 113 -33.28 4.32 18.34
C SER A 113 -32.62 3.75 19.60
N PHE A 114 -32.48 4.63 20.60
CA PHE A 114 -31.64 4.33 21.74
C PHE A 114 -32.39 3.80 22.96
N THR A 115 -33.67 4.14 23.09
CA THR A 115 -34.49 3.69 24.22
C THR A 115 -35.46 2.58 23.90
N ILE A 116 -35.74 2.35 22.61
CA ILE A 116 -36.68 1.29 22.19
C ILE A 116 -35.93 0.20 21.39
N LEU A 117 -35.22 0.58 20.32
CA LEU A 117 -34.54 -0.42 19.49
C LEU A 117 -33.21 -0.90 20.07
N ASN A 118 -32.70 -0.23 21.08
CA ASN A 118 -31.43 -0.62 21.72
C ASN A 118 -30.27 -0.64 20.70
N LEU A 119 -30.24 0.39 19.87
CA LEU A 119 -29.16 0.58 18.93
C LEU A 119 -27.95 1.24 19.61
N HIS A 120 -26.78 0.97 19.03
N HIS A 120 -26.77 0.97 19.03
CA HIS A 120 -25.51 1.54 19.49
CA HIS A 120 -25.50 1.54 19.50
C HIS A 120 -25.12 2.83 18.78
C HIS A 120 -25.12 2.83 18.78
N LYS A 121 -25.43 2.93 17.48
CA LYS A 121 -24.95 4.04 16.66
C LYS A 121 -26.01 4.44 15.65
N ILE A 122 -26.26 5.74 15.56
CA ILE A 122 -27.05 6.31 14.46
C ILE A 122 -26.13 7.22 13.65
N TYR A 123 -26.19 7.05 12.33
CA TYR A 123 -25.43 7.90 11.43
C TYR A 123 -26.35 8.51 10.38
N LEU A 124 -25.83 9.56 9.72
CA LEU A 124 -26.57 10.24 8.67
C LEU A 124 -25.60 10.80 7.65
N HIS A 125 -26.15 11.15 6.48
CA HIS A 125 -25.41 11.82 5.43
C HIS A 125 -26.10 13.12 5.11
N VAL A 126 -25.30 14.18 4.89
CA VAL A 126 -25.83 15.52 4.60
C VAL A 126 -24.86 16.23 3.67
N ALA A 127 -25.39 16.87 2.62
CA ALA A 127 -24.53 17.56 1.67
C ALA A 127 -23.72 18.68 2.33
N VAL A 128 -22.46 18.78 1.90
N VAL A 128 -22.46 18.78 1.90
CA VAL A 128 -21.60 19.83 2.42
CA VAL A 128 -21.58 19.84 2.40
C VAL A 128 -22.09 21.22 1.99
C VAL A 128 -22.09 21.22 1.99
N GLU A 129 -22.86 21.29 0.89
N GLU A 129 -22.86 21.29 0.90
CA GLU A 129 -23.50 22.53 0.44
CA GLU A 129 -23.49 22.52 0.46
C GLU A 129 -24.77 22.89 1.22
C GLU A 129 -24.77 22.89 1.22
N ASN A 130 -25.09 22.12 2.27
CA ASN A 130 -26.19 22.42 3.20
C ASN A 130 -25.60 22.63 4.61
N PRO A 131 -24.78 23.68 4.79
CA PRO A 131 -24.12 23.86 6.09
C PRO A 131 -25.09 24.14 7.26
N LYS A 132 -26.25 24.71 6.97
CA LYS A 132 -27.24 24.92 8.04
C LYS A 132 -27.73 23.61 8.58
N ALA A 133 -27.88 22.61 7.75
CA ALA A 133 -28.30 21.28 8.20
C ALA A 133 -27.16 20.61 8.99
N VAL A 134 -25.93 20.73 8.50
CA VAL A 134 -24.78 20.22 9.25
C VAL A 134 -24.79 20.79 10.68
N HIS A 135 -24.97 22.10 10.78
N HIS A 135 -24.97 22.10 10.78
CA HIS A 135 -24.98 22.76 12.06
CA HIS A 135 -24.98 22.76 12.06
C HIS A 135 -26.13 22.31 12.96
C HIS A 135 -26.13 22.31 12.96
N LEU A 136 -27.32 22.10 12.39
CA LEU A 136 -28.45 21.58 13.18
C LEU A 136 -28.11 20.19 13.73
N TYR A 137 -27.54 19.32 12.89
CA TYR A 137 -27.18 17.99 13.38
C TYR A 137 -26.13 18.06 14.49
N GLU A 138 -25.16 18.95 14.34
CA GLU A 138 -24.17 19.17 15.43
C GLU A 138 -24.83 19.59 16.74
N GLU A 139 -25.80 20.49 16.66
CA GLU A 139 -26.54 20.92 17.87
C GLU A 139 -27.25 19.77 18.55
N CYS A 140 -27.67 18.78 17.76
CA CYS A 140 -28.37 17.60 18.27
C CYS A 140 -27.41 16.52 18.75
N GLY A 141 -26.11 16.76 18.70
CA GLY A 141 -25.12 15.81 19.23
C GLY A 141 -24.37 14.98 18.21
N PHE A 142 -24.70 15.12 16.94
CA PHE A 142 -23.96 14.42 15.88
C PHE A 142 -22.60 15.06 15.68
N VAL A 143 -21.63 14.23 15.32
CA VAL A 143 -20.25 14.68 15.03
C VAL A 143 -19.84 14.09 13.67
N GLU A 144 -19.09 14.88 12.90
CA GLU A 144 -18.55 14.43 11.63
C GLU A 144 -17.55 13.31 11.82
N GLU A 145 -17.74 12.22 11.06
CA GLU A 145 -16.76 11.12 10.96
C GLU A 145 -16.28 10.89 9.54
N GLY A 146 -16.83 11.57 8.54
CA GLY A 146 -16.33 11.49 7.20
C GLY A 146 -16.77 12.68 6.37
N HIS A 147 -16.00 12.92 5.33
CA HIS A 147 -16.29 13.91 4.30
C HIS A 147 -16.14 13.15 2.98
N LEU A 148 -17.25 12.62 2.50
CA LEU A 148 -17.25 11.69 1.38
C LEU A 148 -17.20 12.47 0.08
N VAL A 149 -16.18 12.22 -0.73
CA VAL A 149 -15.84 13.04 -1.89
C VAL A 149 -16.61 12.59 -3.13
N GLU A 150 -17.39 13.50 -3.70
CA GLU A 150 -18.09 13.22 -4.96
C GLU A 150 -18.91 11.94 -4.86
N GLU A 151 -19.59 11.78 -3.72
CA GLU A 151 -20.35 10.56 -3.43
C GLU A 151 -21.60 10.41 -4.26
N PHE A 152 -22.28 11.52 -4.52
CA PHE A 152 -23.60 11.48 -5.14
C PHE A 152 -23.67 12.44 -6.32
N PHE A 153 -24.38 12.04 -7.38
CA PHE A 153 -24.66 12.97 -8.48
C PHE A 153 -25.98 13.64 -8.18
N ILE A 154 -25.91 14.94 -7.92
CA ILE A 154 -27.08 15.69 -7.44
C ILE A 154 -27.09 16.98 -8.25
N ASN A 155 -28.19 17.16 -8.99
CA ASN A 155 -28.37 18.41 -9.74
C ASN A 155 -27.17 18.77 -10.64
N GLY A 156 -26.76 17.78 -11.44
CA GLY A 156 -25.83 18.09 -12.51
C GLY A 156 -24.35 17.98 -12.24
N ARG A 157 -23.97 17.58 -11.03
CA ARG A 157 -22.53 17.39 -10.71
C ARG A 157 -22.46 16.46 -9.50
N TYR A 158 -21.26 15.92 -9.30
CA TYR A 158 -20.99 15.11 -8.14
C TYR A 158 -20.73 16.01 -6.93
N GLN A 159 -21.40 15.69 -5.83
CA GLN A 159 -21.36 16.47 -4.60
C GLN A 159 -20.79 15.68 -3.42
N ASP A 160 -20.15 16.39 -2.54
CA ASP A 160 -19.60 15.83 -1.32
C ASP A 160 -20.63 15.83 -0.20
N VAL A 161 -20.55 14.87 0.71
CA VAL A 161 -21.41 14.81 1.88
C VAL A 161 -20.61 14.58 3.14
N LYS A 162 -21.13 15.13 4.25
CA LYS A 162 -20.64 14.72 5.56
C LYS A 162 -21.38 13.45 6.00
N ARG A 163 -20.62 12.54 6.62
CA ARG A 163 -21.20 11.45 7.38
C ARG A 163 -21.03 11.83 8.85
N MET A 164 -22.14 11.78 9.59
CA MET A 164 -22.14 12.22 10.99
C MET A 164 -22.78 11.15 11.84
N TYR A 165 -22.38 11.06 13.11
CA TYR A 165 -22.89 9.99 13.99
C TYR A 165 -23.11 10.46 15.42
N ILE A 166 -23.89 9.65 16.12
CA ILE A 166 -24.02 9.75 17.57
C ILE A 166 -24.18 8.32 18.13
N LEU A 167 -23.60 8.11 19.32
CA LEU A 167 -23.65 6.82 20.00
C LEU A 167 -24.68 6.82 21.14
N GLN A 168 -25.17 5.62 21.43
CA GLN A 168 -26.16 5.42 22.49
C GLN A 168 -25.72 6.00 23.82
N SER A 169 -24.47 5.76 24.18
CA SER A 169 -23.92 6.22 25.48
C SER A 169 -23.98 7.73 25.58
N LYS A 170 -23.65 8.45 24.49
CA LYS A 170 -23.68 9.88 24.53
C LYS A 170 -25.11 10.39 24.70
N TYR A 171 -26.03 9.80 23.94
CA TYR A 171 -27.43 10.21 24.02
C TYR A 171 -28.04 9.95 25.40
N LEU A 172 -27.79 8.78 25.95
CA LEU A 172 -28.38 8.40 27.24
C LEU A 172 -27.70 9.06 28.47
N ASN A 173 -26.47 9.52 28.21
CA ASN A 173 -25.76 10.25 29.25
C ASN A 173 -25.98 11.76 29.21
N ARG A 174 -26.87 12.31 28.35
CA ARG A 174 -27.09 13.79 28.28
C ARG A 174 -27.42 14.38 29.66
N ASN B 5 5.16 21.47 4.78
CA ASN B 5 6.14 20.41 4.44
C ASN B 5 5.70 19.57 3.24
N SER B 6 4.42 19.23 3.14
CA SER B 6 3.92 18.47 1.97
C SER B 6 4.00 19.26 0.66
N GLN B 7 4.13 20.59 0.77
CA GLN B 7 4.24 21.48 -0.38
C GLN B 7 5.66 21.64 -0.91
N LEU B 8 6.66 21.12 -0.19
CA LEU B 8 8.05 21.17 -0.64
C LEU B 8 8.32 20.07 -1.65
N THR B 9 8.95 20.43 -2.77
CA THR B 9 9.21 19.47 -3.86
C THR B 9 10.68 19.49 -4.25
N LEU B 10 11.17 18.34 -4.66
CA LEU B 10 12.51 18.17 -5.21
C LEU B 10 12.40 18.16 -6.73
N ARG B 11 13.32 18.85 -7.40
CA ARG B 11 13.47 18.68 -8.84
C ARG B 11 14.93 18.79 -9.22
N ALA B 12 15.22 18.33 -10.44
CA ALA B 12 16.60 18.41 -10.95
C ALA B 12 17.09 19.83 -11.00
N LEU B 13 18.35 20.02 -10.63
CA LEU B 13 19.03 21.31 -10.81
C LEU B 13 19.03 21.69 -12.30
N GLU B 14 18.80 22.95 -12.58
CA GLU B 14 18.83 23.51 -13.93
C GLU B 14 19.76 24.72 -14.00
N ARG B 15 20.12 25.11 -15.21
CA ARG B 15 21.03 26.23 -15.39
C ARG B 15 20.50 27.52 -14.78
N GLY B 16 19.20 27.72 -14.88
CA GLY B 16 18.58 28.90 -14.28
C GLY B 16 18.62 29.00 -12.78
N ASP B 17 18.97 27.90 -12.09
CA ASP B 17 19.09 27.86 -10.64
C ASP B 17 20.49 28.22 -10.17
N LEU B 18 21.44 28.40 -11.09
CA LEU B 18 22.83 28.47 -10.66
C LEU B 18 23.16 29.76 -9.86
N ARG B 19 22.47 30.86 -10.08
CA ARG B 19 22.72 32.05 -9.27
C ARG B 19 22.36 31.78 -7.77
N PHE B 20 21.30 31.01 -7.54
CA PHE B 20 20.95 30.58 -6.18
C PHE B 20 22.08 29.75 -5.55
N ILE B 21 22.58 28.78 -6.31
N ILE B 21 22.58 28.78 -6.31
CA ILE B 21 23.67 27.92 -5.82
CA ILE B 21 23.68 27.93 -5.83
C ILE B 21 24.94 28.75 -5.56
C ILE B 21 24.94 28.75 -5.56
N HIS B 22 25.23 29.70 -6.44
CA HIS B 22 26.41 30.55 -6.29
C HIS B 22 26.39 31.29 -4.94
N ASN B 23 25.21 31.79 -4.55
N ASN B 23 25.20 31.78 -4.55
CA ASN B 23 25.10 32.46 -3.27
CA ASN B 23 25.11 32.45 -3.26
C ASN B 23 25.45 31.51 -2.09
C ASN B 23 25.45 31.51 -2.09
N LEU B 24 24.98 30.29 -2.17
CA LEU B 24 25.24 29.30 -1.11
C LEU B 24 26.74 28.93 -1.07
N ASN B 25 27.33 28.78 -2.24
CA ASN B 25 28.70 28.21 -2.33
C ASN B 25 29.77 29.24 -1.96
N ASN B 26 29.37 30.50 -1.82
CA ASN B 26 30.26 31.57 -1.37
C ASN B 26 29.96 32.01 0.05
N ASN B 27 29.14 31.24 0.77
CA ASN B 27 28.76 31.56 2.17
C ASN B 27 29.61 30.72 3.13
N ARG B 28 30.47 31.37 3.91
CA ARG B 28 31.38 30.67 4.80
C ARG B 28 30.71 29.69 5.76
N ASN B 29 29.61 30.17 6.35
CA ASN B 29 28.92 29.35 7.35
C ASN B 29 28.31 28.11 6.70
N ILE B 30 27.65 28.32 5.56
N ILE B 30 27.66 28.33 5.55
CA ILE B 30 27.03 27.20 4.86
CA ILE B 30 27.03 27.20 4.86
C ILE B 30 28.07 26.18 4.39
C ILE B 30 28.07 26.18 4.39
N MET B 31 29.15 26.67 3.77
CA MET B 31 30.17 25.76 3.24
C MET B 31 30.92 25.03 4.32
N SER B 32 31.00 25.56 5.53
CA SER B 32 31.60 24.80 6.63
C SER B 32 30.89 23.44 6.90
N TYR B 33 29.57 23.42 6.69
N TYR B 33 29.57 23.42 6.69
CA TYR B 33 28.80 22.17 6.86
CA TYR B 33 28.81 22.16 6.86
C TYR B 33 29.13 21.14 5.80
C TYR B 33 29.13 21.13 5.80
N TRP B 34 29.70 21.58 4.67
CA TRP B 34 30.14 20.70 3.59
C TRP B 34 31.65 20.54 3.58
N PHE B 35 32.35 21.03 4.60
CA PHE B 35 33.79 20.84 4.71
C PHE B 35 34.52 21.51 3.54
N GLU B 36 33.93 22.56 2.99
N GLU B 36 33.93 22.56 2.99
CA GLU B 36 34.38 23.16 1.74
CA GLU B 36 34.36 23.16 1.74
C GLU B 36 34.82 24.58 1.98
C GLU B 36 34.82 24.58 1.98
N GLU B 37 35.66 25.00 1.06
CA GLU B 37 36.05 26.34 0.92
C GLU B 37 34.90 27.19 0.40
N PRO B 38 34.67 28.37 0.99
CA PRO B 38 33.60 29.29 0.45
C PRO B 38 34.08 30.25 -0.63
N TYR B 39 34.47 29.70 -1.75
CA TYR B 39 34.98 30.50 -2.88
C TYR B 39 34.63 29.76 -4.13
N GLU B 40 33.76 30.34 -4.97
CA GLU B 40 33.49 29.70 -6.26
C GLU B 40 32.94 30.76 -7.18
N SER B 41 33.71 31.13 -8.20
CA SER B 41 33.19 32.08 -9.19
C SER B 41 31.99 31.47 -9.91
N PHE B 42 31.15 32.34 -10.46
CA PHE B 42 30.03 31.85 -11.26
C PHE B 42 30.51 31.00 -12.40
N ASP B 43 31.64 31.37 -12.99
CA ASP B 43 32.18 30.60 -14.13
C ASP B 43 32.71 29.23 -13.71
N GLU B 44 33.33 29.11 -12.54
CA GLU B 44 33.74 27.77 -12.07
C GLU B 44 32.48 26.91 -11.87
N LEU B 45 31.48 27.47 -11.18
CA LEU B 45 30.22 26.76 -10.93
C LEU B 45 29.56 26.26 -12.23
N GLU B 46 29.44 27.18 -13.19
CA GLU B 46 28.75 26.87 -14.43
C GLU B 46 29.55 25.88 -15.28
N GLU B 47 30.87 26.05 -15.35
CA GLU B 47 31.67 25.12 -16.14
C GLU B 47 31.69 23.72 -15.52
N LEU B 48 31.68 23.62 -14.20
CA LEU B 48 31.57 22.30 -13.55
C LEU B 48 30.19 21.70 -13.80
N TYR B 49 29.13 22.52 -13.74
CA TYR B 49 27.79 22.05 -14.08
C TYR B 49 27.80 21.48 -15.51
N ASN B 50 28.40 22.19 -16.44
CA ASN B 50 28.47 21.74 -17.83
C ASN B 50 29.21 20.39 -17.93
N LYS B 51 30.33 20.29 -17.23
CA LYS B 51 31.17 19.09 -17.29
C LYS B 51 30.42 17.84 -16.83
N HIS B 52 29.51 18.00 -15.86
CA HIS B 52 28.84 16.86 -15.25
C HIS B 52 27.41 16.60 -15.74
N ILE B 53 26.99 17.26 -16.83
N ILE B 53 26.99 17.26 -16.83
CA ILE B 53 25.63 17.07 -17.34
CA ILE B 53 25.63 17.07 -17.34
C ILE B 53 25.28 15.58 -17.48
C ILE B 53 25.28 15.58 -17.48
N HIS B 54 26.18 14.79 -18.06
CA HIS B 54 25.89 13.36 -18.32
C HIS B 54 26.50 12.43 -17.28
N ASP B 55 27.00 12.98 -16.17
CA ASP B 55 27.64 12.15 -15.14
C ASP B 55 26.58 11.38 -14.35
N ASN B 56 26.56 10.07 -14.51
N ASN B 56 26.57 10.07 -14.51
CA ASN B 56 25.56 9.23 -13.84
CA ASN B 56 25.55 9.25 -13.83
C ASN B 56 25.82 9.00 -12.35
C ASN B 56 25.82 9.00 -12.35
N ALA B 57 26.96 9.44 -11.85
CA ALA B 57 27.35 9.17 -10.45
C ALA B 57 26.83 10.22 -9.44
N GLU B 58 26.06 11.20 -9.92
CA GLU B 58 25.49 12.21 -9.01
C GLU B 58 24.07 12.55 -9.45
N ARG B 59 23.28 13.00 -8.48
CA ARG B 59 21.99 13.63 -8.75
C ARG B 59 21.90 14.86 -7.84
N ARG B 60 21.76 16.03 -8.46
CA ARG B 60 21.69 17.29 -7.77
C ARG B 60 20.25 17.84 -7.90
N PHE B 61 19.64 18.14 -6.75
CA PHE B 61 18.28 18.62 -6.71
C PHE B 61 18.22 19.98 -6.07
N VAL B 62 17.24 20.77 -6.54
CA VAL B 62 16.82 21.96 -5.81
C VAL B 62 15.47 21.68 -5.20
N VAL B 63 15.21 22.40 -4.11
CA VAL B 63 13.99 22.22 -3.33
C VAL B 63 13.21 23.51 -3.46
N GLU B 64 11.93 23.38 -3.84
CA GLU B 64 11.08 24.52 -4.03
C GLU B 64 9.82 24.38 -3.19
N ASP B 65 9.25 25.51 -2.78
CA ASP B 65 7.94 25.48 -2.13
C ASP B 65 6.83 25.60 -3.18
N ALA B 66 5.58 25.71 -2.75
CA ALA B 66 4.45 25.77 -3.68
C ALA B 66 4.46 27.01 -4.58
N GLN B 67 5.06 28.10 -4.10
CA GLN B 67 5.20 29.35 -4.88
C GLN B 67 6.47 29.38 -5.75
N LYS B 68 7.23 28.28 -5.79
CA LYS B 68 8.49 28.15 -6.55
C LYS B 68 9.63 29.03 -6.00
N ASN B 69 9.56 29.38 -4.71
CA ASN B 69 10.72 29.93 -4.01
C ASN B 69 11.73 28.79 -3.85
N LEU B 70 13.01 29.06 -4.11
CA LEU B 70 14.06 28.12 -3.86
C LEU B 70 14.43 28.09 -2.36
N ILE B 71 14.26 26.92 -1.77
CA ILE B 71 14.42 26.66 -0.36
C ILE B 71 15.83 26.16 -0.03
N GLY B 72 16.39 25.33 -0.91
CA GLY B 72 17.62 24.64 -0.54
C GLY B 72 18.00 23.68 -1.65
N LEU B 73 18.95 22.80 -1.30
N LEU B 73 18.92 22.79 -1.30
CA LEU B 73 19.35 21.76 -2.19
CA LEU B 73 19.52 21.86 -2.22
C LEU B 73 19.66 20.50 -1.51
C LEU B 73 19.64 20.50 -1.52
N VAL B 74 19.52 19.44 -2.28
N VAL B 74 19.37 19.39 -2.23
CA VAL B 74 19.83 18.11 -1.79
CA VAL B 74 19.82 18.08 -1.76
C VAL B 74 20.59 17.43 -2.89
C VAL B 74 20.59 17.41 -2.89
N GLU B 75 21.65 16.70 -2.56
CA GLU B 75 22.40 15.96 -3.54
C GLU B 75 22.72 14.56 -3.07
N LEU B 76 22.78 13.66 -4.06
CA LEU B 76 23.28 12.29 -3.87
C LEU B 76 24.50 12.17 -4.76
N ILE B 77 25.66 11.88 -4.14
CA ILE B 77 26.92 11.87 -4.87
C ILE B 77 27.66 10.58 -4.66
N GLU B 78 28.67 10.33 -5.48
N GLU B 78 28.68 10.33 -5.47
CA GLU B 78 29.46 9.09 -5.38
CA GLU B 78 29.48 9.10 -5.39
C GLU B 78 28.57 7.88 -5.47
C GLU B 78 28.57 7.88 -5.48
N ILE B 79 27.57 7.94 -6.34
CA ILE B 79 26.65 6.82 -6.48
C ILE B 79 27.40 5.66 -7.14
N ASN B 80 27.40 4.51 -6.48
CA ASN B 80 28.26 3.39 -6.92
C ASN B 80 27.44 2.25 -7.50
N TYR B 81 27.80 1.90 -8.75
CA TYR B 81 27.16 0.91 -9.63
C TYR B 81 27.11 -0.54 -9.06
N ILE B 82 28.16 -0.91 -8.30
CA ILE B 82 28.24 -2.24 -7.73
C ILE B 82 27.70 -2.26 -6.28
N HIS B 83 28.26 -1.36 -5.47
CA HIS B 83 28.01 -1.38 -4.02
C HIS B 83 26.68 -0.80 -3.69
N ARG B 84 26.09 -0.04 -4.62
CA ARG B 84 24.74 0.51 -4.43
C ARG B 84 24.66 1.43 -3.20
N SER B 85 25.67 2.28 -3.09
CA SER B 85 25.75 3.26 -2.02
C SER B 85 25.87 4.66 -2.63
N ALA B 86 25.53 5.65 -1.80
CA ALA B 86 25.72 7.04 -2.17
C ALA B 86 25.82 7.89 -0.92
N GLU B 87 26.48 9.04 -1.07
CA GLU B 87 26.58 10.04 -0.02
C GLU B 87 25.48 11.08 -0.20
N PHE B 88 24.81 11.41 0.91
CA PHE B 88 23.79 12.45 0.94
C PHE B 88 24.35 13.75 1.49
N GLN B 89 23.93 14.86 0.89
CA GLN B 89 24.28 16.18 1.40
C GLN B 89 23.15 17.18 1.16
N ILE B 90 23.05 18.16 2.05
CA ILE B 90 21.91 19.08 2.09
C ILE B 90 22.36 20.47 2.47
N ILE B 91 21.71 21.48 1.85
CA ILE B 91 21.80 22.89 2.29
C ILE B 91 20.41 23.45 2.34
N ILE B 92 20.07 24.13 3.43
CA ILE B 92 18.86 24.96 3.46
C ILE B 92 19.34 26.41 3.42
N ALA B 93 18.74 27.21 2.53
CA ALA B 93 19.10 28.63 2.39
C ALA B 93 18.89 29.34 3.73
N PRO B 94 19.78 30.30 4.07
CA PRO B 94 19.69 30.96 5.38
C PRO B 94 18.30 31.45 5.75
N GLU B 95 17.58 32.05 4.80
CA GLU B 95 16.26 32.61 5.09
C GLU B 95 15.21 31.53 5.41
N HIS B 96 15.49 30.26 5.08
CA HIS B 96 14.53 29.16 5.34
C HIS B 96 14.98 28.19 6.43
N GLN B 97 16.14 28.47 7.04
CA GLN B 97 16.66 27.64 8.13
C GLN B 97 15.80 27.84 9.34
N GLY B 98 15.63 26.79 10.12
CA GLY B 98 14.90 26.89 11.38
C GLY B 98 13.39 26.90 11.25
N LYS B 99 12.90 26.44 10.08
CA LYS B 99 11.45 26.35 9.83
C LYS B 99 10.91 24.94 9.93
N GLY B 100 11.78 23.97 10.29
CA GLY B 100 11.38 22.58 10.38
C GLY B 100 11.33 21.84 9.04
N PHE B 101 11.95 22.38 7.98
CA PHE B 101 11.94 21.77 6.67
C PHE B 101 12.92 20.62 6.48
N ALA B 102 13.97 20.56 7.29
CA ALA B 102 15.04 19.62 7.01
C ALA B 102 14.59 18.16 7.04
N ARG B 103 13.75 17.78 7.98
CA ARG B 103 13.27 16.39 8.06
C ARG B 103 12.63 15.96 6.74
N THR B 104 11.79 16.84 6.21
CA THR B 104 11.09 16.56 4.96
C THR B 104 12.07 16.37 3.82
N LEU B 105 13.07 17.24 3.73
N LEU B 105 13.07 17.24 3.72
CA LEU B 105 14.07 17.15 2.66
CA LEU B 105 14.07 17.15 2.65
C LEU B 105 14.89 15.86 2.77
C LEU B 105 14.88 15.86 2.76
N ILE B 106 15.29 15.49 3.99
CA ILE B 106 16.00 14.24 4.21
C ILE B 106 15.13 13.07 3.73
N ASN B 107 13.85 13.06 4.15
N ASN B 107 13.86 13.07 4.15
CA ASN B 107 12.97 11.96 3.78
CA ASN B 107 12.98 11.97 3.77
C ASN B 107 12.77 11.89 2.25
C ASN B 107 12.77 11.90 2.25
N ARG B 108 12.67 13.03 1.58
N ARG B 108 12.67 13.04 1.58
CA ARG B 108 12.53 13.05 0.10
CA ARG B 108 12.54 13.07 0.10
C ARG B 108 13.78 12.46 -0.56
C ARG B 108 13.78 12.46 -0.56
N ALA B 109 14.96 12.78 -0.02
CA ALA B 109 16.19 12.20 -0.55
C ALA B 109 16.29 10.70 -0.36
N LEU B 110 15.86 10.21 0.79
CA LEU B 110 15.85 8.78 1.04
C LEU B 110 14.81 8.09 0.16
N ASP B 111 13.63 8.69 0.01
CA ASP B 111 12.63 8.15 -0.90
C ASP B 111 13.23 7.98 -2.31
N TYR B 112 13.91 9.03 -2.79
CA TYR B 112 14.47 8.94 -4.13
C TYR B 112 15.51 7.80 -4.22
N SER B 113 16.38 7.78 -3.22
CA SER B 113 17.46 6.79 -3.16
C SER B 113 16.95 5.36 -3.21
N PHE B 114 15.92 5.10 -2.39
CA PHE B 114 15.50 3.74 -2.10
C PHE B 114 14.33 3.26 -2.95
N THR B 115 13.49 4.18 -3.45
CA THR B 115 12.33 3.81 -4.28
C THR B 115 12.51 4.09 -5.75
N ILE B 116 13.47 4.91 -6.13
CA ILE B 116 13.73 5.24 -7.54
C ILE B 116 15.10 4.70 -8.00
N LEU B 117 16.18 5.04 -7.29
CA LEU B 117 17.51 4.61 -7.71
C LEU B 117 17.84 3.18 -7.28
N ASN B 118 17.04 2.58 -6.41
CA ASN B 118 17.29 1.19 -5.97
C ASN B 118 18.67 1.03 -5.30
N LEU B 119 19.00 2.01 -4.47
CA LEU B 119 20.22 1.96 -3.71
C LEU B 119 20.04 1.10 -2.45
N HIS B 120 21.17 0.55 -1.97
N HIS B 120 21.17 0.55 -1.97
CA HIS B 120 21.21 -0.25 -0.76
CA HIS B 120 21.21 -0.26 -0.75
C HIS B 120 21.55 0.56 0.51
C HIS B 120 21.55 0.55 0.51
N LYS B 121 22.41 1.56 0.37
CA LYS B 121 22.94 2.27 1.53
C LYS B 121 23.11 3.74 1.19
N ILE B 122 22.62 4.61 2.10
CA ILE B 122 22.94 6.03 2.07
C ILE B 122 23.73 6.36 3.31
N TYR B 123 24.83 7.10 3.12
CA TYR B 123 25.63 7.55 4.24
C TYR B 123 25.85 9.06 4.16
N LEU B 124 26.28 9.62 5.30
CA LEU B 124 26.54 11.06 5.39
C LEU B 124 27.64 11.30 6.40
N HIS B 125 28.21 12.51 6.33
CA HIS B 125 29.19 12.97 7.30
C HIS B 125 28.67 14.25 7.92
N VAL B 126 28.88 14.38 9.24
CA VAL B 126 28.42 15.55 9.99
C VAL B 126 29.40 15.81 11.14
N ALA B 127 29.78 17.08 11.32
CA ALA B 127 30.73 17.44 12.36
C ALA B 127 30.22 17.08 13.75
N VAL B 128 31.13 16.56 14.58
N VAL B 128 31.13 16.56 14.58
CA VAL B 128 30.79 16.24 15.97
CA VAL B 128 30.78 16.23 15.95
C VAL B 128 30.43 17.49 16.75
C VAL B 128 30.43 17.49 16.75
N GLU B 129 30.93 18.65 16.33
CA GLU B 129 30.56 19.92 16.94
C GLU B 129 29.19 20.46 16.49
N ASN B 130 28.46 19.68 15.69
CA ASN B 130 27.07 19.99 15.32
C ASN B 130 26.15 18.89 15.87
N PRO B 131 26.05 18.77 17.20
CA PRO B 131 25.24 17.68 17.76
C PRO B 131 23.74 17.76 17.44
N LYS B 132 23.22 18.95 17.20
CA LYS B 132 21.81 19.07 16.82
C LYS B 132 21.57 18.42 15.47
N ALA B 133 22.51 18.51 14.56
CA ALA B 133 22.39 17.88 13.25
C ALA B 133 22.52 16.35 13.40
N VAL B 134 23.48 15.90 14.22
CA VAL B 134 23.59 14.46 14.50
C VAL B 134 22.25 13.91 14.98
N HIS B 135 21.64 14.62 15.94
CA HIS B 135 20.37 14.19 16.49
C HIS B 135 19.24 14.19 15.46
N LEU B 136 19.20 15.18 14.58
CA LEU B 136 18.19 15.19 13.49
C LEU B 136 18.36 13.97 12.60
N TYR B 137 19.61 13.67 12.22
CA TYR B 137 19.83 12.50 11.36
C TYR B 137 19.42 11.20 12.06
N GLU B 138 19.71 11.10 13.36
CA GLU B 138 19.24 9.94 14.15
C GLU B 138 17.72 9.79 14.13
N GLU B 139 17.02 10.91 14.27
CA GLU B 139 15.54 10.89 14.20
C GLU B 139 15.02 10.39 12.87
N CYS B 140 15.79 10.62 11.81
CA CYS B 140 15.45 10.20 10.46
C CYS B 140 15.88 8.77 10.16
N GLY B 141 16.47 8.07 11.12
CA GLY B 141 16.84 6.67 10.95
C GLY B 141 18.29 6.38 10.71
N PHE B 142 19.13 7.40 10.60
CA PHE B 142 20.58 7.21 10.45
C PHE B 142 21.18 6.75 11.77
N VAL B 143 22.20 5.92 11.67
CA VAL B 143 22.96 5.43 12.84
C VAL B 143 24.45 5.66 12.59
N GLU B 144 25.15 6.03 13.67
CA GLU B 144 26.61 6.20 13.59
C GLU B 144 27.31 4.89 13.29
N GLU B 145 28.19 4.94 12.28
CA GLU B 145 29.11 3.82 11.97
C GLU B 145 30.58 4.23 12.05
N GLY B 146 30.89 5.51 12.25
CA GLY B 146 32.25 5.94 12.43
C GLY B 146 32.30 7.28 13.13
N HIS B 147 33.44 7.51 13.78
CA HIS B 147 33.80 8.79 14.37
C HIS B 147 35.19 9.10 13.83
N LEU B 148 35.22 9.84 12.73
CA LEU B 148 36.43 10.04 11.96
C LEU B 148 37.26 11.15 12.59
N VAL B 149 38.49 10.84 12.98
CA VAL B 149 39.31 11.70 13.81
C VAL B 149 40.09 12.71 12.97
N GLU B 150 39.88 13.99 13.22
CA GLU B 150 40.66 15.04 12.55
C GLU B 150 40.60 14.88 11.03
N GLU B 151 39.41 14.56 10.54
CA GLU B 151 39.20 14.28 9.10
C GLU B 151 39.33 15.51 8.22
N PHE B 152 38.83 16.64 8.71
CA PHE B 152 38.73 17.84 7.87
C PHE B 152 39.32 19.05 8.57
N PHE B 153 39.97 19.92 7.82
CA PHE B 153 40.42 21.21 8.36
C PHE B 153 39.32 22.23 8.13
N ILE B 154 38.71 22.65 9.22
CA ILE B 154 37.52 23.50 9.14
C ILE B 154 37.72 24.62 10.14
N ASN B 155 37.73 25.85 9.63
CA ASN B 155 37.83 27.03 10.50
C ASN B 155 39.02 26.95 11.49
N GLY B 156 40.19 26.66 10.93
CA GLY B 156 41.41 26.85 11.69
C GLY B 156 41.94 25.68 12.51
N ARG B 157 41.27 24.53 12.44
CA ARG B 157 41.78 23.32 13.13
C ARG B 157 41.15 22.12 12.46
N TYR B 158 41.74 20.96 12.75
CA TYR B 158 41.19 19.70 12.27
C TYR B 158 40.05 19.28 13.18
N GLN B 159 38.94 18.89 12.54
CA GLN B 159 37.69 18.53 13.22
C GLN B 159 37.29 17.08 12.96
N ASP B 160 36.64 16.50 13.94
CA ASP B 160 36.11 15.16 13.84
C ASP B 160 34.71 15.17 13.25
N VAL B 161 34.33 14.11 12.54
CA VAL B 161 32.99 13.95 12.01
C VAL B 161 32.43 12.59 12.32
N LYS B 162 31.10 12.53 12.48
CA LYS B 162 30.40 11.25 12.47
C LYS B 162 30.13 10.84 11.01
N ARG B 163 30.30 9.56 10.75
CA ARG B 163 29.76 8.94 9.52
C ARG B 163 28.54 8.15 9.97
N MET B 164 27.41 8.41 9.30
CA MET B 164 26.13 7.82 9.67
C MET B 164 25.49 7.19 8.44
N TYR B 165 24.69 6.16 8.64
CA TYR B 165 24.09 5.43 7.49
C TYR B 165 22.68 4.97 7.76
N ILE B 166 22.00 4.67 6.66
CA ILE B 166 20.72 3.95 6.69
C ILE B 166 20.67 3.02 5.46
N LEU B 167 20.08 1.85 5.66
CA LEU B 167 19.92 0.84 4.61
C LEU B 167 18.52 0.84 4.02
N GLN B 168 18.44 0.40 2.77
CA GLN B 168 17.17 0.31 2.05
C GLN B 168 16.11 -0.47 2.80
N SER B 169 16.51 -1.60 3.36
CA SER B 169 15.57 -2.48 4.09
C SER B 169 14.95 -1.76 5.28
N LYS B 170 15.76 -0.98 6.01
CA LYS B 170 15.22 -0.29 7.16
C LYS B 170 14.23 0.78 6.72
N TYR B 171 14.60 1.52 5.67
CA TYR B 171 13.72 2.58 5.18
C TYR B 171 12.39 2.05 4.65
N LEU B 172 12.46 0.99 3.85
CA LEU B 172 11.25 0.43 3.22
C LEU B 172 10.39 -0.42 4.15
N ASN B 173 10.96 -0.76 5.29
CA ASN B 173 10.17 -1.42 6.31
C ASN B 173 9.82 -0.52 7.51
N SER C 1 -15.38 10.99 -29.98
CA SER C 1 -15.94 11.13 -31.35
C SER C 1 -14.86 10.91 -32.42
N ASN C 2 -15.21 10.15 -33.44
CA ASN C 2 -14.28 9.91 -34.53
C ASN C 2 -14.00 11.19 -35.31
N ALA C 3 -14.96 12.10 -35.36
CA ALA C 3 -14.75 13.37 -36.06
C ALA C 3 -13.57 14.13 -35.41
N MET C 4 -13.53 14.13 -34.08
CA MET C 4 -12.43 14.79 -33.38
C MET C 4 -11.14 13.99 -33.48
N ASN C 5 -11.22 12.68 -33.34
CA ASN C 5 -10.03 11.83 -33.43
C ASN C 5 -9.35 11.96 -34.81
N SER C 6 -10.15 12.07 -35.87
N SER C 6 -10.14 12.08 -35.87
CA SER C 6 -9.64 12.17 -37.24
CA SER C 6 -9.63 12.17 -37.24
C SER C 6 -8.81 13.42 -37.51
C SER C 6 -8.80 13.41 -37.51
N GLN C 7 -8.95 14.42 -36.64
CA GLN C 7 -8.20 15.68 -36.77
C GLN C 7 -6.81 15.63 -36.10
N LEU C 8 -6.48 14.54 -35.43
CA LEU C 8 -5.16 14.38 -34.82
C LEU C 8 -4.15 13.95 -35.88
N THR C 9 -3.01 14.63 -35.95
CA THR C 9 -2.04 14.44 -37.01
C THR C 9 -0.64 14.24 -36.43
N LEU C 10 0.19 13.50 -37.18
N LEU C 10 0.17 13.48 -37.17
CA LEU C 10 1.57 13.24 -36.82
CA LEU C 10 1.57 13.24 -36.85
C LEU C 10 2.54 14.29 -37.38
C LEU C 10 2.52 14.32 -37.39
N ARG C 11 3.54 14.62 -36.59
CA ARG C 11 4.76 15.24 -37.11
C ARG C 11 5.96 14.83 -36.22
N ALA C 12 7.14 15.03 -36.68
CA ALA C 12 8.29 14.76 -35.89
C ALA C 12 8.46 15.76 -34.77
N LEU C 13 9.00 15.27 -33.66
CA LEU C 13 9.57 16.10 -32.59
C LEU C 13 10.64 17.03 -33.14
N GLU C 14 10.63 18.27 -32.67
CA GLU C 14 11.67 19.26 -32.98
C GLU C 14 12.10 20.01 -31.73
N ARG C 15 13.19 20.78 -31.86
N ARG C 15 13.18 20.78 -31.86
CA ARG C 15 13.82 21.43 -30.71
CA ARG C 15 13.80 21.42 -30.71
C ARG C 15 12.85 22.29 -29.93
C ARG C 15 12.85 22.30 -29.92
N GLY C 16 11.94 22.98 -30.61
CA GLY C 16 10.97 23.80 -29.94
C GLY C 16 9.95 23.09 -29.06
N ASP C 17 9.87 21.77 -29.20
CA ASP C 17 9.02 20.93 -28.36
C ASP C 17 9.69 20.47 -27.07
N LEU C 18 10.97 20.77 -26.89
CA LEU C 18 11.71 20.16 -25.77
C LEU C 18 11.27 20.63 -24.40
N ARG C 19 10.75 21.83 -24.24
CA ARG C 19 10.20 22.21 -22.90
C ARG C 19 9.00 21.30 -22.51
N PHE C 20 8.18 20.94 -23.49
CA PHE C 20 7.08 19.97 -23.28
C PHE C 20 7.63 18.62 -22.85
N ILE C 21 8.64 18.13 -23.55
CA ILE C 21 9.25 16.84 -23.24
C ILE C 21 9.89 16.89 -21.86
N HIS C 22 10.56 17.99 -21.53
CA HIS C 22 11.21 18.14 -20.23
C HIS C 22 10.21 17.98 -19.10
N ASN C 23 9.01 18.55 -19.25
CA ASN C 23 7.98 18.38 -18.24
C ASN C 23 7.59 16.92 -18.06
N LEU C 24 7.46 16.19 -19.15
CA LEU C 24 7.08 14.76 -19.08
C LEU C 24 8.20 13.95 -18.41
N ASN C 25 9.44 14.27 -18.76
CA ASN C 25 10.56 13.38 -18.37
C ASN C 25 10.97 13.61 -16.91
N ASN C 26 10.43 14.67 -16.28
CA ASN C 26 10.66 14.93 -14.87
C ASN C 26 9.43 14.64 -14.03
N ASN C 27 8.42 13.98 -14.62
CA ASN C 27 7.18 13.65 -13.92
C ASN C 27 7.23 12.19 -13.49
N ARG C 28 7.25 11.95 -12.18
CA ARG C 28 7.37 10.61 -11.64
C ARG C 28 6.32 9.64 -12.16
N ASN C 29 5.07 10.10 -12.17
CA ASN C 29 3.98 9.25 -12.59
C ASN C 29 4.13 8.85 -14.06
N ILE C 30 4.41 9.84 -14.91
CA ILE C 30 4.52 9.58 -16.33
C ILE C 30 5.71 8.65 -16.61
N MET C 31 6.87 8.95 -16.02
CA MET C 31 8.06 8.13 -16.26
C MET C 31 7.95 6.72 -15.72
N SER C 32 7.12 6.49 -14.71
N SER C 32 7.11 6.48 -14.72
CA SER C 32 6.89 5.11 -14.26
CA SER C 32 6.88 5.11 -14.25
C SER C 32 6.32 4.20 -15.36
C SER C 32 6.32 4.20 -15.36
N TYR C 33 5.52 4.77 -16.25
CA TYR C 33 4.98 4.02 -17.40
C TYR C 33 6.06 3.60 -18.39
N TRP C 34 7.20 4.31 -18.36
CA TRP C 34 8.33 4.02 -19.21
C TRP C 34 9.47 3.37 -18.42
N PHE C 35 9.23 3.00 -17.17
CA PHE C 35 10.23 2.28 -16.37
C PHE C 35 11.50 3.12 -16.20
N GLU C 36 11.34 4.44 -16.20
N GLU C 36 11.35 4.44 -16.22
CA GLU C 36 12.44 5.38 -16.27
CA GLU C 36 12.48 5.36 -16.29
C GLU C 36 12.50 6.21 -15.04
C GLU C 36 12.52 6.21 -15.03
N GLU C 37 13.73 6.63 -14.73
CA GLU C 37 13.98 7.55 -13.69
C GLU C 37 13.44 8.95 -14.07
N PRO C 38 12.69 9.61 -13.18
CA PRO C 38 12.14 10.95 -13.50
C PRO C 38 13.09 12.11 -13.12
N TYR C 39 14.18 12.18 -13.84
CA TYR C 39 15.21 13.18 -13.62
C TYR C 39 15.90 13.42 -14.92
N GLU C 40 15.80 14.61 -15.49
CA GLU C 40 16.55 14.94 -16.69
C GLU C 40 16.65 16.44 -16.81
N SER C 41 17.85 16.99 -16.66
CA SER C 41 18.02 18.45 -16.87
C SER C 41 17.72 18.79 -18.32
N PHE C 42 17.35 20.04 -18.53
CA PHE C 42 17.12 20.48 -19.90
C PHE C 42 18.35 20.29 -20.77
N ASP C 43 19.52 20.46 -20.19
CA ASP C 43 20.78 20.29 -20.94
C ASP C 43 21.04 18.82 -21.33
N GLU C 44 20.75 17.87 -20.43
CA GLU C 44 20.89 16.47 -20.82
C GLU C 44 19.93 16.14 -21.98
N LEU C 45 18.67 16.57 -21.81
CA LEU C 45 17.64 16.36 -22.84
C LEU C 45 18.06 16.91 -24.19
N GLU C 46 18.48 18.16 -24.20
CA GLU C 46 18.82 18.83 -25.45
C GLU C 46 20.04 18.24 -26.11
N GLU C 47 21.08 17.93 -25.31
CA GLU C 47 22.28 17.36 -25.91
C GLU C 47 22.01 15.96 -26.51
N LEU C 48 21.17 15.17 -25.79
CA LEU C 48 20.81 13.85 -26.34
C LEU C 48 19.96 14.00 -27.62
N TYR C 49 19.02 14.97 -27.60
CA TYR C 49 18.20 15.23 -28.77
C TYR C 49 19.12 15.56 -29.95
N ASN C 50 20.10 16.46 -29.73
CA ASN C 50 20.97 16.86 -30.83
C ASN C 50 21.74 15.67 -31.39
N LYS C 51 22.24 14.82 -30.47
CA LYS C 51 23.06 13.69 -30.86
C LYS C 51 22.32 12.72 -31.79
N HIS C 52 21.01 12.59 -31.58
CA HIS C 52 20.21 11.60 -32.28
C HIS C 52 19.39 12.11 -33.47
N ILE C 53 19.59 13.37 -33.88
CA ILE C 53 18.81 13.92 -34.98
C ILE C 53 18.85 12.99 -36.22
N HIS C 54 20.04 12.53 -36.56
CA HIS C 54 20.26 11.72 -37.77
C HIS C 54 20.31 10.21 -37.51
N ASP C 55 19.96 9.79 -36.29
CA ASP C 55 20.02 8.38 -35.94
C ASP C 55 18.83 7.66 -36.56
N ASN C 56 19.10 6.77 -37.48
CA ASN C 56 18.04 6.03 -38.19
C ASN C 56 17.36 4.92 -37.37
N ALA C 57 17.89 4.66 -36.17
CA ALA C 57 17.37 3.58 -35.32
C ALA C 57 16.22 4.01 -34.41
N GLU C 58 15.78 5.28 -34.50
CA GLU C 58 14.65 5.75 -33.73
C GLU C 58 13.81 6.70 -34.58
N ARG C 59 12.54 6.84 -34.17
CA ARG C 59 11.64 7.89 -34.64
C ARG C 59 10.90 8.47 -33.45
N ARG C 60 10.84 9.80 -33.32
CA ARG C 60 10.12 10.46 -32.27
C ARG C 60 9.10 11.35 -32.88
N PHE C 61 7.82 11.09 -32.60
CA PHE C 61 6.72 11.86 -33.20
C PHE C 61 5.88 12.50 -32.11
N VAL C 62 5.32 13.65 -32.43
CA VAL C 62 4.28 14.25 -31.63
C VAL C 62 2.96 14.11 -32.42
N VAL C 63 1.86 14.01 -31.66
CA VAL C 63 0.54 14.04 -32.25
C VAL C 63 -0.13 15.33 -31.82
N GLU C 64 -0.66 16.08 -32.77
N GLU C 64 -0.66 16.08 -32.78
CA GLU C 64 -1.23 17.39 -32.54
CA GLU C 64 -1.23 17.40 -32.54
C GLU C 64 -2.64 17.45 -33.08
C GLU C 64 -2.63 17.45 -33.08
N ASP C 65 -3.45 18.33 -32.51
CA ASP C 65 -4.80 18.56 -33.03
C ASP C 65 -4.78 19.64 -34.11
N ALA C 66 -5.95 20.02 -34.62
CA ALA C 66 -6.01 21.02 -35.69
C ALA C 66 -5.49 22.41 -35.27
N GLN C 67 -5.58 22.72 -33.97
N GLN C 67 -5.58 22.72 -33.97
CA GLN C 67 -5.07 23.99 -33.42
CA GLN C 67 -5.07 23.99 -33.42
C GLN C 67 -3.58 23.92 -33.01
C GLN C 67 -3.58 23.92 -33.01
N LYS C 68 -2.92 22.80 -33.30
CA LYS C 68 -1.51 22.55 -32.96
C LYS C 68 -1.24 22.37 -31.47
N ASN C 69 -2.26 22.04 -30.69
CA ASN C 69 -2.05 21.61 -29.30
C ASN C 69 -1.40 20.24 -29.34
N LEU C 70 -0.37 20.03 -28.53
N LEU C 70 -0.36 20.03 -28.54
CA LEU C 70 0.33 18.74 -28.47
CA LEU C 70 0.32 18.74 -28.46
C LEU C 70 -0.46 17.80 -27.57
C LEU C 70 -0.47 17.80 -27.57
N ILE C 71 -0.94 16.69 -28.15
CA ILE C 71 -1.80 15.73 -27.43
C ILE C 71 -0.95 14.60 -26.80
N GLY C 72 0.12 14.20 -27.45
CA GLY C 72 1.00 13.20 -26.93
C GLY C 72 2.16 12.97 -27.85
N LEU C 73 2.88 11.90 -27.51
N LEU C 73 2.88 11.90 -27.51
CA LEU C 73 4.08 11.49 -28.21
CA LEU C 73 4.10 11.49 -28.18
C LEU C 73 4.01 9.98 -28.47
C LEU C 73 4.00 9.99 -28.47
N VAL C 74 4.49 9.62 -29.65
CA VAL C 74 4.66 8.20 -29.97
C VAL C 74 6.06 8.06 -30.55
N GLU C 75 6.75 7.00 -30.12
CA GLU C 75 8.11 6.78 -30.55
C GLU C 75 8.32 5.33 -30.94
N LEU C 76 9.27 5.14 -31.86
CA LEU C 76 9.86 3.86 -32.18
C LEU C 76 11.33 3.89 -31.80
N ILE C 77 11.78 2.89 -31.07
CA ILE C 77 13.20 2.78 -30.73
C ILE C 77 13.71 1.39 -31.10
N GLU C 78 15.04 1.29 -31.12
CA GLU C 78 15.69 0.02 -31.40
C GLU C 78 15.24 -0.54 -32.76
N ILE C 79 15.07 0.34 -33.74
CA ILE C 79 14.62 -0.13 -35.04
C ILE C 79 15.76 -0.92 -35.70
N ASN C 80 15.46 -2.14 -36.13
CA ASN C 80 16.42 -3.00 -36.77
C ASN C 80 15.93 -3.28 -38.19
N TYR C 81 16.73 -3.02 -39.19
CA TYR C 81 16.27 -3.13 -40.59
C TYR C 81 16.55 -4.43 -41.28
N ILE C 82 17.13 -5.41 -40.57
CA ILE C 82 17.17 -6.81 -41.07
C ILE C 82 15.99 -7.57 -40.48
N HIS C 83 15.85 -7.54 -39.15
CA HIS C 83 14.72 -8.17 -38.50
C HIS C 83 13.40 -7.45 -38.73
N ARG C 84 13.53 -6.16 -39.07
CA ARG C 84 12.40 -5.28 -39.37
C ARG C 84 11.44 -5.18 -38.16
N SER C 85 12.05 -4.92 -37.01
CA SER C 85 11.29 -4.77 -35.77
C SER C 85 11.64 -3.49 -35.09
N ALA C 86 10.73 -3.04 -34.20
CA ALA C 86 11.01 -1.87 -33.34
C ALA C 86 10.13 -1.95 -32.12
N GLU C 87 10.58 -1.24 -31.06
CA GLU C 87 9.80 -1.09 -29.84
C GLU C 87 9.01 0.21 -29.89
N PHE C 88 7.73 0.12 -29.53
CA PHE C 88 6.82 1.25 -29.49
C PHE C 88 6.65 1.77 -28.07
N GLN C 89 6.57 3.09 -27.95
CA GLN C 89 6.27 3.72 -26.65
C GLN C 89 5.44 4.98 -26.85
N ILE C 90 4.62 5.28 -25.84
CA ILE C 90 3.63 6.33 -25.95
C ILE C 90 3.51 7.10 -24.64
N ILE C 91 3.32 8.42 -24.77
CA ILE C 91 2.91 9.27 -23.64
C ILE C 91 1.79 10.16 -24.10
N ILE C 92 0.75 10.28 -23.28
N ILE C 92 0.74 10.27 -23.30
CA ILE C 92 -0.27 11.31 -23.48
CA ILE C 92 -0.27 11.30 -23.50
C ILE C 92 0.02 12.51 -22.57
C ILE C 92 0.01 12.51 -22.58
N ALA C 93 -0.02 13.71 -23.11
CA ALA C 93 0.22 14.94 -22.34
C ALA C 93 -0.72 15.03 -21.18
N PRO C 94 -0.26 15.49 -20.00
CA PRO C 94 -1.13 15.47 -18.80
C PRO C 94 -2.51 16.08 -19.01
N GLU C 95 -2.57 17.20 -19.73
CA GLU C 95 -3.86 17.89 -19.93
C GLU C 95 -4.85 17.06 -20.75
N HIS C 96 -4.36 16.06 -21.51
CA HIS C 96 -5.21 15.28 -22.42
C HIS C 96 -5.37 13.84 -21.98
N GLN C 97 -4.79 13.47 -20.82
CA GLN C 97 -4.91 12.11 -20.28
C GLN C 97 -6.32 11.81 -19.90
N GLY C 98 -6.74 10.57 -20.14
CA GLY C 98 -8.08 10.16 -19.79
C GLY C 98 -9.22 10.66 -20.64
N LYS C 99 -8.93 11.13 -21.84
CA LYS C 99 -9.96 11.66 -22.76
C LYS C 99 -10.27 10.71 -23.92
N GLY C 100 -9.66 9.55 -23.92
CA GLY C 100 -9.97 8.56 -24.97
C GLY C 100 -9.24 8.74 -26.29
N PHE C 101 -8.18 9.54 -26.33
CA PHE C 101 -7.36 9.67 -27.53
C PHE C 101 -6.33 8.58 -27.76
N ALA C 102 -6.03 7.76 -26.77
CA ALA C 102 -4.92 6.81 -26.87
C ALA C 102 -4.96 5.88 -28.09
N ARG C 103 -6.16 5.35 -28.38
CA ARG C 103 -6.29 4.48 -29.53
C ARG C 103 -5.87 5.19 -30.78
N THR C 104 -6.25 6.43 -30.97
CA THR C 104 -5.89 7.20 -32.17
C THR C 104 -4.38 7.36 -32.29
N LEU C 105 -3.72 7.67 -31.17
CA LEU C 105 -2.23 7.78 -31.21
C LEU C 105 -1.57 6.46 -31.60
N ILE C 106 -2.07 5.36 -31.01
CA ILE C 106 -1.55 4.05 -31.35
C ILE C 106 -1.80 3.76 -32.83
N ASN C 107 -2.97 4.05 -33.32
CA ASN C 107 -3.31 3.85 -34.76
C ASN C 107 -2.35 4.61 -35.65
N ARG C 108 -2.06 5.88 -35.30
CA ARG C 108 -1.12 6.64 -36.12
C ARG C 108 0.27 5.97 -36.15
N ALA C 109 0.73 5.49 -35.00
CA ALA C 109 2.02 4.83 -34.91
C ALA C 109 2.05 3.52 -35.69
N LEU C 110 1.01 2.73 -35.61
CA LEU C 110 1.00 1.46 -36.34
C LEU C 110 0.86 1.66 -37.80
N ASP C 111 0.03 2.64 -38.20
CA ASP C 111 -0.08 2.96 -39.63
C ASP C 111 1.28 3.38 -40.15
N TYR C 112 1.99 4.23 -39.42
CA TYR C 112 3.28 4.68 -39.90
C TYR C 112 4.24 3.49 -39.98
N SER C 113 4.27 2.66 -38.95
CA SER C 113 5.20 1.53 -38.89
C SER C 113 5.03 0.57 -40.05
N PHE C 114 3.75 0.28 -40.36
CA PHE C 114 3.45 -0.80 -41.28
C PHE C 114 3.18 -0.35 -42.70
N THR C 115 2.72 0.90 -42.89
CA THR C 115 2.42 1.40 -44.24
C THR C 115 3.45 2.34 -44.80
N ILE C 116 4.33 2.89 -43.96
CA ILE C 116 5.35 3.85 -44.40
C ILE C 116 6.75 3.25 -44.19
N LEU C 117 7.10 2.91 -42.94
CA LEU C 117 8.46 2.41 -42.66
C LEU C 117 8.65 0.95 -43.06
N ASN C 118 7.57 0.24 -43.35
CA ASN C 118 7.64 -1.12 -43.88
C ASN C 118 8.30 -2.05 -42.86
N LEU C 119 7.97 -1.91 -41.60
CA LEU C 119 8.41 -2.86 -40.58
C LEU C 119 7.53 -4.10 -40.55
N HIS C 120 8.13 -5.20 -40.05
N HIS C 120 8.12 -5.20 -40.04
CA HIS C 120 7.47 -6.49 -39.89
CA HIS C 120 7.46 -6.50 -39.90
C HIS C 120 6.81 -6.70 -38.52
C HIS C 120 6.80 -6.71 -38.52
N LYS C 121 7.43 -6.19 -37.47
CA LYS C 121 6.98 -6.45 -36.10
C LYS C 121 7.15 -5.21 -35.25
N ILE C 122 6.08 -4.88 -34.53
CA ILE C 122 6.16 -3.88 -33.45
C ILE C 122 5.89 -4.59 -32.13
N TYR C 123 6.72 -4.32 -31.15
CA TYR C 123 6.53 -4.88 -29.82
C TYR C 123 6.57 -3.76 -28.77
N LEU C 124 6.08 -4.09 -27.58
CA LEU C 124 6.04 -3.12 -26.47
C LEU C 124 6.15 -3.86 -25.15
N HIS C 125 6.43 -3.09 -24.10
CA HIS C 125 6.44 -3.58 -22.73
C HIS C 125 5.43 -2.77 -21.93
N VAL C 126 4.68 -3.45 -21.08
CA VAL C 126 3.64 -2.84 -20.26
C VAL C 126 3.54 -3.56 -18.93
N ALA C 127 3.50 -2.79 -17.83
CA ALA C 127 3.43 -3.42 -16.51
C ALA C 127 2.18 -4.26 -16.32
N VAL C 128 2.33 -5.39 -15.67
N VAL C 128 2.32 -5.40 -15.67
CA VAL C 128 1.15 -6.21 -15.33
CA VAL C 128 1.14 -6.21 -15.33
C VAL C 128 0.17 -5.46 -14.39
C VAL C 128 0.18 -5.47 -14.39
N GLU C 129 0.72 -4.55 -13.59
CA GLU C 129 -0.07 -3.69 -12.73
C GLU C 129 -0.71 -2.50 -13.44
N ASN C 130 -0.59 -2.44 -14.77
CA ASN C 130 -1.24 -1.40 -15.61
C ASN C 130 -2.22 -2.06 -16.59
N PRO C 131 -3.24 -2.77 -16.05
CA PRO C 131 -4.20 -3.42 -16.93
C PRO C 131 -4.96 -2.52 -17.89
N LYS C 132 -5.13 -1.22 -17.59
CA LYS C 132 -5.83 -0.35 -18.55
C LYS C 132 -5.09 -0.32 -19.89
N ALA C 133 -3.73 -0.23 -19.76
CA ALA C 133 -2.93 -0.19 -20.96
C ALA C 133 -2.90 -1.55 -21.65
N VAL C 134 -2.75 -2.63 -20.89
CA VAL C 134 -2.79 -3.99 -21.49
C VAL C 134 -4.05 -4.15 -22.34
N HIS C 135 -5.19 -3.76 -21.78
CA HIS C 135 -6.46 -3.95 -22.45
C HIS C 135 -6.58 -3.09 -23.71
N LEU C 136 -6.04 -1.86 -23.66
CA LEU C 136 -6.05 -1.05 -24.87
C LEU C 136 -5.19 -1.66 -25.98
N TYR C 137 -4.01 -2.16 -25.59
CA TYR C 137 -3.14 -2.79 -26.59
C TYR C 137 -3.79 -4.04 -27.19
N GLU C 138 -4.51 -4.82 -26.37
CA GLU C 138 -5.25 -5.98 -26.89
C GLU C 138 -6.30 -5.58 -27.91
N GLU C 139 -7.02 -4.48 -27.64
CA GLU C 139 -8.00 -3.99 -28.62
C GLU C 139 -7.38 -3.62 -29.96
N CYS C 140 -6.14 -3.17 -29.91
CA CYS C 140 -5.40 -2.77 -31.10
C CYS C 140 -4.75 -3.94 -31.84
N GLY C 141 -4.88 -5.16 -31.33
CA GLY C 141 -4.36 -6.33 -32.02
C GLY C 141 -3.04 -6.85 -31.48
N PHE C 142 -2.51 -6.22 -30.41
CA PHE C 142 -1.32 -6.74 -29.77
C PHE C 142 -1.69 -8.00 -28.98
N VAL C 143 -0.74 -8.94 -28.92
N VAL C 143 -0.75 -8.96 -28.94
CA VAL C 143 -0.90 -10.19 -28.19
CA VAL C 143 -0.93 -10.14 -28.11
C VAL C 143 0.33 -10.38 -27.30
C VAL C 143 0.33 -10.38 -27.30
N GLU C 144 0.13 -10.93 -26.11
CA GLU C 144 1.21 -11.26 -25.21
C GLU C 144 2.12 -12.35 -25.81
N GLU C 145 3.42 -12.08 -25.78
CA GLU C 145 4.46 -13.06 -26.11
C GLU C 145 5.43 -13.31 -24.96
N GLY C 146 5.38 -12.52 -23.90
CA GLY C 146 6.18 -12.76 -22.73
C GLY C 146 5.59 -12.16 -21.47
N HIS C 147 5.96 -12.74 -20.34
CA HIS C 147 5.63 -12.23 -19.01
C HIS C 147 6.96 -12.18 -18.27
N LEU C 148 7.58 -11.00 -18.31
CA LEU C 148 8.96 -10.85 -17.88
C LEU C 148 8.97 -10.63 -16.37
N VAL C 149 9.67 -11.52 -15.66
CA VAL C 149 9.58 -11.63 -14.22
C VAL C 149 10.57 -10.69 -13.52
N GLU C 150 10.05 -9.79 -12.68
CA GLU C 150 10.91 -8.87 -11.91
C GLU C 150 11.87 -8.12 -12.85
N GLU C 151 11.32 -7.68 -13.98
CA GLU C 151 12.12 -7.01 -15.02
C GLU C 151 12.60 -5.62 -14.61
N PHE C 152 11.74 -4.88 -13.92
CA PHE C 152 12.01 -3.46 -13.65
C PHE C 152 11.78 -3.16 -12.17
N PHE C 153 12.62 -2.29 -11.62
CA PHE C 153 12.45 -1.77 -10.28
C PHE C 153 11.66 -0.49 -10.42
N ILE C 154 10.46 -0.49 -9.86
CA ILE C 154 9.55 0.66 -9.98
C ILE C 154 8.94 0.88 -8.61
N ASN C 155 9.14 2.10 -8.07
CA ASN C 155 8.50 2.49 -6.83
C ASN C 155 8.74 1.51 -5.68
N GLY C 156 10.01 1.15 -5.49
CA GLY C 156 10.41 0.40 -4.33
C GLY C 156 10.35 -1.11 -4.41
N ARG C 157 9.99 -1.68 -5.55
CA ARG C 157 9.93 -3.13 -5.70
C ARG C 157 10.12 -3.53 -7.15
N TYR C 158 10.50 -4.78 -7.34
CA TYR C 158 10.58 -5.32 -8.69
C TYR C 158 9.21 -5.72 -9.19
N GLN C 159 8.93 -5.38 -10.43
CA GLN C 159 7.64 -5.61 -11.08
C GLN C 159 7.78 -6.41 -12.36
N ASP C 160 6.72 -7.14 -12.67
CA ASP C 160 6.63 -7.93 -13.89
C ASP C 160 6.00 -7.06 -15.00
N VAL C 161 6.37 -7.36 -16.25
CA VAL C 161 5.79 -6.72 -17.42
C VAL C 161 5.39 -7.73 -18.47
N LYS C 162 4.36 -7.38 -19.24
CA LYS C 162 4.07 -8.13 -20.45
C LYS C 162 4.91 -7.56 -21.60
N ARG C 163 5.41 -8.44 -22.45
CA ARG C 163 5.88 -8.08 -23.78
C ARG C 163 4.78 -8.47 -24.75
N MET C 164 4.34 -7.52 -25.58
CA MET C 164 3.23 -7.74 -26.50
C MET C 164 3.67 -7.34 -27.92
N TYR C 165 3.07 -7.95 -28.93
CA TYR C 165 3.49 -7.68 -30.32
C TYR C 165 2.33 -7.70 -31.28
N ILE C 166 2.58 -7.10 -32.44
CA ILE C 166 1.72 -7.22 -33.60
C ILE C 166 2.62 -7.26 -34.84
N LEU C 167 2.19 -8.09 -35.82
CA LEU C 167 2.92 -8.22 -37.09
C LEU C 167 2.25 -7.44 -38.22
N GLN C 168 3.06 -7.03 -39.18
CA GLN C 168 2.59 -6.28 -40.35
C GLN C 168 1.53 -7.05 -41.10
N SER C 169 1.69 -8.37 -41.23
CA SER C 169 0.72 -9.21 -41.95
C SER C 169 -0.65 -9.14 -41.29
N LYS C 170 -0.69 -9.19 -39.97
CA LYS C 170 -1.98 -9.14 -39.26
C LYS C 170 -2.60 -7.77 -39.44
N TYR C 171 -1.78 -6.72 -39.34
CA TYR C 171 -2.27 -5.36 -39.46
C TYR C 171 -2.84 -5.08 -40.86
N LEU C 172 -2.12 -5.48 -41.89
CA LEU C 172 -2.49 -5.13 -43.26
C LEU C 172 -3.49 -6.05 -43.86
N ASN C 173 -3.55 -7.30 -43.46
CA ASN C 173 -4.27 -8.29 -44.29
C ASN C 173 -5.70 -8.44 -43.79
N ARG C 174 -6.56 -8.79 -44.72
CA ARG C 174 -7.88 -9.20 -44.38
C ARG C 174 -7.81 -10.70 -44.12
N SER C 175 -8.41 -11.14 -43.03
CA SER C 175 -8.52 -12.54 -42.70
C SER C 175 -9.95 -13.06 -42.82
N GLU C 176 -10.88 -12.16 -43.14
CA GLU C 176 -12.25 -12.51 -43.50
C GLU C 176 -12.65 -11.84 -44.82
N SER D 1 -7.18 -33.27 26.92
CA SER D 1 -6.02 -32.42 26.56
C SER D 1 -6.46 -31.16 25.81
N ASN D 2 -5.88 -30.03 26.18
CA ASN D 2 -6.19 -28.80 25.49
C ASN D 2 -5.70 -28.81 24.05
N ALA D 3 -4.62 -29.53 23.79
CA ALA D 3 -4.12 -29.64 22.42
C ALA D 3 -5.20 -30.25 21.50
N MET D 4 -5.88 -31.28 21.98
CA MET D 4 -6.96 -31.90 21.21
C MET D 4 -8.21 -31.02 21.17
N ASN D 5 -8.56 -30.42 22.31
CA ASN D 5 -9.74 -29.54 22.35
C ASN D 5 -9.60 -28.36 21.38
N SER D 6 -8.38 -27.81 21.27
N SER D 6 -8.39 -27.80 21.26
CA SER D 6 -8.12 -26.64 20.42
CA SER D 6 -8.15 -26.64 20.41
C SER D 6 -8.34 -26.91 18.93
C SER D 6 -8.37 -26.90 18.93
N GLN D 7 -8.36 -28.17 18.54
CA GLN D 7 -8.57 -28.57 17.15
C GLN D 7 -10.07 -28.68 16.76
N LEU D 8 -10.98 -28.51 17.72
CA LEU D 8 -12.40 -28.54 17.44
C LEU D 8 -12.86 -27.18 16.88
N THR D 9 -13.58 -27.21 15.75
CA THR D 9 -13.93 -26.01 15.03
C THR D 9 -15.43 -25.97 14.73
N LEU D 10 -15.96 -24.76 14.60
N LEU D 10 -15.94 -24.75 14.64
CA LEU D 10 -17.34 -24.50 14.28
CA LEU D 10 -17.33 -24.49 14.28
C LEU D 10 -17.59 -24.39 12.77
C LEU D 10 -17.58 -24.40 12.76
N ARG D 11 -18.72 -24.91 12.33
CA ARG D 11 -19.30 -24.52 11.04
C ARG D 11 -20.84 -24.67 11.14
N ALA D 12 -21.55 -24.08 10.22
CA ALA D 12 -22.96 -24.23 10.19
C ALA D 12 -23.38 -25.64 9.75
N LEU D 13 -24.49 -26.08 10.31
CA LEU D 13 -25.24 -27.22 9.80
C LEU D 13 -25.63 -27.03 8.33
N GLU D 14 -25.50 -28.08 7.55
CA GLU D 14 -25.94 -28.10 6.15
C GLU D 14 -26.71 -29.37 5.84
N ARG D 15 -27.33 -29.42 4.66
N ARG D 15 -27.33 -29.41 4.66
CA ARG D 15 -28.21 -30.50 4.27
CA ARG D 15 -28.22 -30.50 4.29
C ARG D 15 -27.56 -31.87 4.35
C ARG D 15 -27.56 -31.86 4.37
N GLY D 16 -26.28 -31.95 4.00
CA GLY D 16 -25.57 -33.22 4.09
C GLY D 16 -25.35 -33.76 5.49
N ASP D 17 -25.58 -32.96 6.51
CA ASP D 17 -25.51 -33.38 7.89
C ASP D 17 -26.81 -33.95 8.44
N LEU D 18 -27.87 -33.92 7.65
CA LEU D 18 -29.19 -34.24 8.20
C LEU D 18 -29.37 -35.69 8.58
N ARG D 19 -28.70 -36.64 7.97
CA ARG D 19 -28.78 -38.05 8.46
C ARG D 19 -28.22 -38.17 9.89
N PHE D 20 -27.15 -37.42 10.19
CA PHE D 20 -26.60 -37.35 11.56
C PHE D 20 -27.65 -36.79 12.52
N ILE D 21 -28.29 -35.70 12.15
CA ILE D 21 -29.30 -35.05 12.98
C ILE D 21 -30.49 -35.99 13.18
N HIS D 22 -30.90 -36.68 12.12
CA HIS D 22 -32.04 -37.60 12.19
C HIS D 22 -31.79 -38.67 13.23
N ASN D 23 -30.57 -39.20 13.30
CA ASN D 23 -30.23 -40.17 14.33
C ASN D 23 -30.41 -39.62 15.73
N LEU D 24 -29.96 -38.38 15.95
CA LEU D 24 -30.08 -37.75 17.27
C LEU D 24 -31.55 -37.52 17.63
N ASN D 25 -32.34 -37.07 16.65
CA ASN D 25 -33.70 -36.59 16.95
C ASN D 25 -34.67 -37.74 17.14
N ASN D 26 -34.25 -38.97 16.80
CA ASN D 26 -35.05 -40.17 17.03
C ASN D 26 -34.51 -41.00 18.18
N ASN D 27 -33.58 -40.44 18.96
CA ASN D 27 -32.97 -41.16 20.10
C ASN D 27 -33.63 -40.66 21.38
N ARG D 28 -34.34 -41.55 22.08
CA ARG D 28 -35.07 -41.20 23.26
C ARG D 28 -34.20 -40.54 24.35
N ASN D 29 -33.04 -41.13 24.57
CA ASN D 29 -32.16 -40.63 25.62
C ASN D 29 -31.68 -39.21 25.29
N ILE D 30 -31.23 -39.02 24.05
CA ILE D 30 -30.72 -37.73 23.65
C ILE D 30 -31.81 -36.66 23.69
N MET D 31 -32.98 -36.98 23.13
CA MET D 31 -34.08 -36.00 23.10
C MET D 31 -34.64 -35.68 24.47
N SER D 32 -34.49 -36.56 25.45
CA SER D 32 -34.90 -36.23 26.82
C SER D 32 -34.14 -35.02 27.39
N TYR D 33 -32.89 -34.85 26.98
CA TYR D 33 -32.08 -33.68 27.38
C TYR D 33 -32.62 -32.37 26.81
N TRP D 34 -33.38 -32.47 25.71
CA TRP D 34 -34.01 -31.34 25.05
C TRP D 34 -35.50 -31.28 25.32
N PHE D 35 -36.02 -32.12 26.21
CA PHE D 35 -37.43 -32.08 26.60
C PHE D 35 -38.34 -32.33 25.40
N GLU D 36 -37.85 -33.12 24.43
CA GLU D 36 -38.48 -33.30 23.15
C GLU D 36 -38.90 -34.71 22.95
N GLU D 37 -39.93 -34.84 22.12
CA GLU D 37 -40.40 -36.08 21.68
C GLU D 37 -39.38 -36.71 20.69
N PRO D 38 -39.01 -37.98 20.88
CA PRO D 38 -38.03 -38.63 19.97
C PRO D 38 -38.69 -39.30 18.75
N TYR D 39 -39.25 -38.47 17.88
CA TYR D 39 -39.92 -38.93 16.69
C TYR D 39 -39.78 -37.85 15.66
N GLU D 40 -39.10 -38.10 14.54
CA GLU D 40 -39.05 -37.13 13.46
C GLU D 40 -38.67 -37.86 12.19
N SER D 41 -39.58 -37.94 11.23
CA SER D 41 -39.23 -38.53 9.93
C SER D 41 -38.18 -37.68 9.25
N PHE D 42 -37.42 -38.30 8.37
CA PHE D 42 -36.45 -37.54 7.60
C PHE D 42 -37.10 -36.42 6.82
N ASP D 43 -38.31 -36.65 6.34
CA ASP D 43 -39.04 -35.62 5.56
C ASP D 43 -39.46 -34.43 6.44
N GLU D 44 -39.91 -34.67 7.67
CA GLU D 44 -40.24 -33.56 8.56
C GLU D 44 -38.97 -32.73 8.83
N LEU D 45 -37.89 -33.44 9.17
CA LEU D 45 -36.60 -32.80 9.45
C LEU D 45 -36.14 -31.93 8.29
N GLU D 46 -36.14 -32.51 7.09
CA GLU D 46 -35.63 -31.80 5.92
C GLU D 46 -36.49 -30.62 5.55
N GLU D 47 -37.83 -30.79 5.58
CA GLU D 47 -38.69 -29.68 5.22
C GLU D 47 -38.57 -28.51 6.22
N LEU D 48 -38.43 -28.86 7.52
CA LEU D 48 -38.23 -27.79 8.52
C LEU D 48 -36.86 -27.11 8.32
N TYR D 49 -35.84 -27.91 8.03
CA TYR D 49 -34.52 -27.36 7.77
C TYR D 49 -34.61 -26.37 6.60
N ASN D 50 -35.29 -26.77 5.51
CA ASN D 50 -35.39 -25.89 4.36
C ASN D 50 -36.07 -24.58 4.70
N LYS D 51 -37.17 -24.71 5.47
CA LYS D 51 -37.97 -23.55 5.80
C LYS D 51 -37.18 -22.48 6.58
N HIS D 52 -36.23 -22.93 7.39
CA HIS D 52 -35.50 -22.03 8.28
C HIS D 52 -34.10 -21.63 7.83
N ILE D 53 -33.72 -21.95 6.58
CA ILE D 53 -32.38 -21.61 6.11
C ILE D 53 -32.07 -20.11 6.32
N HIS D 54 -33.02 -19.25 5.99
CA HIS D 54 -32.84 -17.80 6.04
C HIS D 54 -33.43 -17.16 7.29
N ASP D 55 -33.84 -17.96 8.27
CA ASP D 55 -34.45 -17.44 9.50
C ASP D 55 -33.36 -16.88 10.39
N ASN D 56 -33.36 -15.59 10.61
CA ASN D 56 -32.34 -14.92 11.43
C ASN D 56 -32.49 -15.14 12.93
N ALA D 57 -33.59 -15.76 13.36
CA ALA D 57 -33.85 -15.99 14.79
C ALA D 57 -33.22 -17.26 15.36
N GLU D 58 -32.47 -18.00 14.54
CA GLU D 58 -31.78 -19.19 15.01
C GLU D 58 -30.40 -19.29 14.35
N ARG D 59 -29.52 -20.04 15.01
CA ARG D 59 -28.24 -20.49 14.45
C ARG D 59 -28.04 -21.95 14.80
N ARG D 60 -27.68 -22.79 13.84
CA ARG D 60 -27.41 -24.20 14.07
C ARG D 60 -26.04 -24.49 13.63
N PHE D 61 -25.18 -24.91 14.57
CA PHE D 61 -23.75 -25.18 14.27
C PHE D 61 -23.41 -26.61 14.60
N VAL D 62 -22.48 -27.16 13.84
CA VAL D 62 -21.83 -28.40 14.20
C VAL D 62 -20.39 -28.07 14.62
N VAL D 63 -19.87 -28.89 15.53
CA VAL D 63 -18.48 -28.81 15.93
C VAL D 63 -17.78 -30.06 15.41
N GLU D 64 -16.67 -29.86 14.71
N GLU D 64 -16.67 -29.86 14.71
CA GLU D 64 -15.94 -30.94 14.05
CA GLU D 64 -15.95 -30.95 14.02
C GLU D 64 -14.50 -30.93 14.47
C GLU D 64 -14.50 -30.93 14.46
N ASP D 65 -13.87 -32.09 14.42
CA ASP D 65 -12.42 -32.18 14.68
C ASP D 65 -11.62 -31.94 13.40
N ALA D 66 -10.30 -32.08 13.48
CA ALA D 66 -9.45 -31.81 12.32
C ALA D 66 -9.71 -32.77 11.15
N GLN D 67 -10.18 -33.97 11.42
CA GLN D 67 -10.52 -34.98 10.40
C GLN D 67 -11.97 -34.84 9.88
N LYS D 68 -12.69 -33.80 10.34
CA LYS D 68 -14.09 -33.54 9.98
C LYS D 68 -15.09 -34.55 10.56
N ASN D 69 -14.71 -35.26 11.62
CA ASN D 69 -15.68 -36.05 12.39
C ASN D 69 -16.58 -35.08 13.13
N LEU D 70 -17.89 -35.32 13.10
CA LEU D 70 -18.85 -34.45 13.79
C LEU D 70 -18.88 -34.86 15.28
N ILE D 71 -18.50 -33.91 16.14
CA ILE D 71 -18.40 -34.18 17.59
C ILE D 71 -19.72 -33.83 18.32
N GLY D 72 -20.41 -32.80 17.86
CA GLY D 72 -21.66 -32.39 18.42
C GLY D 72 -22.24 -31.23 17.68
N LEU D 73 -23.30 -30.71 18.30
CA LEU D 73 -24.03 -29.59 17.77
C LEU D 73 -24.30 -28.58 18.88
N VAL D 74 -24.22 -27.31 18.49
CA VAL D 74 -24.60 -26.23 19.39
C VAL D 74 -25.52 -25.32 18.59
N GLU D 75 -26.60 -24.86 19.26
CA GLU D 75 -27.58 -24.04 18.60
C GLU D 75 -27.97 -22.87 19.49
N LEU D 76 -28.36 -21.78 18.81
CA LEU D 76 -29.06 -20.67 19.42
C LEU D 76 -30.45 -20.58 18.83
N ILE D 77 -31.45 -20.47 19.68
CA ILE D 77 -32.83 -20.28 19.22
C ILE D 77 -33.45 -19.08 19.91
N GLU D 78 -34.57 -18.64 19.35
CA GLU D 78 -35.31 -17.53 19.91
C GLU D 78 -34.44 -16.29 20.06
N ILE D 79 -33.59 -16.06 19.06
CA ILE D 79 -32.71 -14.90 19.14
C ILE D 79 -33.56 -13.63 18.95
N ASN D 80 -33.43 -12.71 19.89
CA ASN D 80 -34.16 -11.45 19.85
C ASN D 80 -33.15 -10.32 19.77
N TYR D 81 -33.26 -9.46 18.78
CA TYR D 81 -32.21 -8.43 18.56
C TYR D 81 -32.49 -7.09 19.16
N ILE D 82 -33.58 -6.94 19.93
CA ILE D 82 -33.75 -5.76 20.81
C ILE D 82 -33.26 -6.10 22.21
N HIS D 83 -33.78 -7.21 22.76
CA HIS D 83 -33.33 -7.68 24.07
C HIS D 83 -31.92 -8.27 24.04
N ARG D 84 -31.51 -8.68 22.84
N ARG D 84 -31.51 -8.68 22.83
CA ARG D 84 -30.19 -9.25 22.58
CA ARG D 84 -30.18 -9.24 22.58
C ARG D 84 -29.95 -10.51 23.43
C ARG D 84 -29.95 -10.51 23.43
N SER D 85 -30.93 -11.40 23.38
CA SER D 85 -30.86 -12.66 24.11
C SER D 85 -31.13 -13.82 23.21
N ALA D 86 -30.71 -14.99 23.64
CA ALA D 86 -31.00 -16.25 22.93
C ALA D 86 -30.89 -17.41 23.88
N GLU D 87 -31.60 -18.50 23.51
CA GLU D 87 -31.49 -19.75 24.24
C GLU D 87 -30.45 -20.65 23.58
N PHE D 88 -29.58 -21.24 24.41
CA PHE D 88 -28.54 -22.15 23.99
C PHE D 88 -28.94 -23.59 24.21
N GLN D 89 -28.58 -24.46 23.25
CA GLN D 89 -28.78 -25.89 23.42
C GLN D 89 -27.64 -26.66 22.74
N ILE D 90 -27.36 -27.86 23.29
CA ILE D 90 -26.19 -28.63 22.92
C ILE D 90 -26.53 -30.11 22.88
N ILE D 91 -25.94 -30.80 21.89
CA ILE D 91 -25.91 -32.27 21.87
C ILE D 91 -24.52 -32.70 21.53
N ILE D 92 -24.01 -33.71 22.26
N ILE D 92 -24.00 -33.68 22.27
CA ILE D 92 -22.79 -34.40 21.86
CA ILE D 92 -22.78 -34.37 21.86
C ILE D 92 -23.14 -35.70 21.13
C ILE D 92 -23.15 -35.69 21.13
N ALA D 93 -22.51 -35.97 19.99
CA ALA D 93 -22.75 -37.19 19.21
C ALA D 93 -22.51 -38.40 20.05
N PRO D 94 -23.35 -39.45 19.92
CA PRO D 94 -23.21 -40.62 20.82
C PRO D 94 -21.80 -41.17 20.93
N GLU D 95 -21.08 -41.24 19.81
CA GLU D 95 -19.73 -41.82 19.81
C GLU D 95 -18.73 -40.99 20.63
N HIS D 96 -19.05 -39.71 20.88
CA HIS D 96 -18.11 -38.79 21.56
C HIS D 96 -18.59 -38.38 22.94
N GLN D 97 -19.73 -38.93 23.39
CA GLN D 97 -20.27 -38.62 24.72
C GLN D 97 -19.37 -39.15 25.79
N GLY D 98 -19.24 -38.38 26.87
CA GLY D 98 -18.41 -38.81 27.99
C GLY D 98 -16.92 -38.72 27.81
N LYS D 99 -16.46 -37.96 26.84
CA LYS D 99 -15.00 -37.81 26.58
C LYS D 99 -14.44 -36.45 27.02
N GLY D 100 -15.26 -35.64 27.63
CA GLY D 100 -14.78 -34.36 28.16
C GLY D 100 -14.70 -33.23 27.15
N PHE D 101 -15.34 -33.34 25.99
CA PHE D 101 -15.39 -32.25 25.01
C PHE D 101 -16.44 -31.19 25.29
N ALA D 102 -17.40 -31.43 26.16
CA ALA D 102 -18.52 -30.52 26.34
C ALA D 102 -18.15 -29.05 26.61
N ARG D 103 -17.16 -28.85 27.50
CA ARG D 103 -16.73 -27.50 27.80
C ARG D 103 -16.28 -26.80 26.56
N THR D 104 -15.54 -27.44 25.69
CA THR D 104 -15.05 -26.82 24.46
C THR D 104 -16.21 -26.41 23.55
N LEU D 105 -17.22 -27.29 23.41
CA LEU D 105 -18.39 -26.91 22.59
C LEU D 105 -19.12 -25.68 23.16
N ILE D 106 -19.29 -25.67 24.49
CA ILE D 106 -19.92 -24.52 25.14
C ILE D 106 -19.07 -23.28 24.91
N ASN D 107 -17.78 -23.37 25.06
CA ASN D 107 -16.86 -22.23 24.83
C ASN D 107 -17.01 -21.69 23.41
N ARG D 108 -17.08 -22.60 22.41
CA ARG D 108 -17.25 -22.13 21.06
C ARG D 108 -18.58 -21.35 20.88
N ALA D 109 -19.64 -21.85 21.48
CA ALA D 109 -20.94 -21.20 21.41
C ALA D 109 -20.96 -19.85 22.12
N LEU D 110 -20.34 -19.76 23.28
CA LEU D 110 -20.33 -18.48 24.00
C LEU D 110 -19.44 -17.50 23.32
N ASP D 111 -18.29 -17.95 22.81
CA ASP D 111 -17.43 -17.03 22.05
C ASP D 111 -18.20 -16.50 20.85
N TYR D 112 -18.89 -17.34 20.14
CA TYR D 112 -19.64 -16.87 18.98
C TYR D 112 -20.71 -15.88 19.41
N SER D 113 -21.47 -16.22 20.45
CA SER D 113 -22.58 -15.37 20.91
C SER D 113 -22.14 -13.99 21.29
N PHE D 114 -21.00 -13.93 22.03
CA PHE D 114 -20.60 -12.68 22.65
C PHE D 114 -19.56 -11.90 21.88
N THR D 115 -18.75 -12.57 21.05
CA THR D 115 -17.71 -11.88 20.27
C THR D 115 -18.05 -11.67 18.81
N ILE D 116 -19.03 -12.41 18.29
CA ILE D 116 -19.41 -12.31 16.87
C ILE D 116 -20.84 -11.77 16.75
N LEU D 117 -21.83 -12.45 17.34
CA LEU D 117 -23.22 -12.04 17.19
C LEU D 117 -23.58 -10.85 18.07
N ASN D 118 -22.74 -10.53 19.05
CA ASN D 118 -22.92 -9.33 19.86
C ASN D 118 -24.22 -9.42 20.68
N LEU D 119 -24.51 -10.59 21.22
CA LEU D 119 -25.62 -10.74 22.15
C LEU D 119 -25.25 -10.30 23.56
N HIS D 120 -26.29 -9.93 24.32
N HIS D 120 -26.28 -9.94 24.33
CA HIS D 120 -26.17 -9.51 25.72
CA HIS D 120 -26.15 -9.50 25.73
C HIS D 120 -26.34 -10.64 26.73
C HIS D 120 -26.33 -10.64 26.73
N LYS D 121 -27.22 -11.59 26.43
CA LYS D 121 -27.59 -12.63 27.40
C LYS D 121 -27.79 -13.95 26.67
N ILE D 122 -27.17 -15.00 27.22
CA ILE D 122 -27.47 -16.39 26.79
C ILE D 122 -28.08 -17.08 28.00
N TYR D 123 -29.19 -17.79 27.77
CA TYR D 123 -29.81 -18.58 28.82
C TYR D 123 -30.06 -20.00 28.33
N LEU D 124 -30.31 -20.88 29.27
CA LEU D 124 -30.54 -22.30 28.97
C LEU D 124 -31.47 -22.90 30.01
N HIS D 125 -32.00 -24.07 29.67
CA HIS D 125 -32.80 -24.88 30.58
C HIS D 125 -32.13 -26.23 30.74
N VAL D 126 -32.11 -26.71 31.98
CA VAL D 126 -31.48 -28.00 32.31
C VAL D 126 -32.24 -28.66 33.45
N ALA D 127 -32.52 -29.97 33.28
CA ALA D 127 -33.28 -30.66 34.33
C ALA D 127 -32.56 -30.69 35.65
N VAL D 128 -33.32 -30.53 36.73
N VAL D 128 -33.31 -30.53 36.75
CA VAL D 128 -32.71 -30.66 38.06
CA VAL D 128 -32.72 -30.66 38.08
C VAL D 128 -32.16 -32.07 38.33
C VAL D 128 -32.17 -32.07 38.33
N GLU D 129 -32.76 -33.06 37.66
CA GLU D 129 -32.27 -34.44 37.70
C GLU D 129 -31.07 -34.72 36.81
N ASN D 130 -30.51 -33.68 36.18
CA ASN D 130 -29.28 -33.78 35.36
C ASN D 130 -28.18 -32.89 35.97
N PRO D 131 -27.77 -33.22 37.23
CA PRO D 131 -26.73 -32.43 37.86
C PRO D 131 -25.39 -32.38 37.15
N LYS D 132 -25.04 -33.39 36.33
CA LYS D 132 -23.75 -33.31 35.62
C LYS D 132 -23.71 -32.07 34.71
N ALA D 133 -24.87 -31.85 34.04
CA ALA D 133 -24.95 -30.71 33.15
C ALA D 133 -25.01 -29.40 33.93
N VAL D 134 -25.81 -29.36 35.01
CA VAL D 134 -25.85 -28.16 35.85
C VAL D 134 -24.44 -27.73 36.26
N HIS D 135 -23.66 -28.71 36.74
CA HIS D 135 -22.32 -28.43 37.23
C HIS D 135 -21.38 -27.95 36.13
N LEU D 136 -21.50 -28.52 34.92
CA LEU D 136 -20.70 -28.02 33.82
C LEU D 136 -21.05 -26.58 33.47
N TYR D 137 -22.36 -26.28 33.44
CA TYR D 137 -22.76 -24.90 33.11
C TYR D 137 -22.27 -23.92 34.19
N GLU D 138 -22.30 -24.34 35.46
CA GLU D 138 -21.75 -23.48 36.53
C GLU D 138 -20.26 -23.17 36.32
N GLU D 139 -19.49 -24.18 35.91
CA GLU D 139 -18.08 -23.97 35.63
C GLU D 139 -17.84 -22.95 34.52
N CYS D 140 -18.78 -22.90 33.58
CA CYS D 140 -18.70 -21.99 32.45
C CYS D 140 -19.19 -20.59 32.76
N GLY D 141 -19.66 -20.34 34.00
CA GLY D 141 -20.09 -19.01 34.38
C GLY D 141 -21.59 -18.79 34.36
N PHE D 142 -22.38 -19.82 34.01
CA PHE D 142 -23.83 -19.71 34.10
C PHE D 142 -24.25 -19.73 35.57
N VAL D 143 -25.32 -18.99 35.87
N VAL D 143 -25.31 -18.96 35.89
CA VAL D 143 -25.88 -18.93 37.21
CA VAL D 143 -25.89 -19.03 37.21
C VAL D 143 -27.40 -19.17 37.11
C VAL D 143 -27.40 -19.18 37.11
N GLU D 144 -27.96 -19.85 38.10
CA GLU D 144 -29.37 -20.08 38.18
C GLU D 144 -30.14 -18.76 38.37
N GLU D 145 -31.15 -18.58 37.52
CA GLU D 145 -32.13 -17.50 37.67
C GLU D 145 -33.57 -17.98 37.83
N GLY D 146 -33.82 -19.27 37.65
CA GLY D 146 -35.12 -19.83 37.93
C GLY D 146 -35.07 -21.31 38.21
N HIS D 147 -36.08 -21.79 38.93
CA HIS D 147 -36.30 -23.20 39.21
C HIS D 147 -37.75 -23.44 38.81
N LEU D 148 -37.92 -23.90 37.57
CA LEU D 148 -39.24 -23.95 36.95
C LEU D 148 -39.91 -25.26 37.37
N VAL D 149 -41.10 -25.12 37.99
CA VAL D 149 -41.75 -26.21 38.67
C VAL D 149 -42.64 -27.01 37.71
N GLU D 150 -42.37 -28.32 37.60
CA GLU D 150 -43.20 -29.20 36.74
C GLU D 150 -43.34 -28.60 35.34
N GLU D 151 -42.21 -28.11 34.82
CA GLU D 151 -42.19 -27.44 33.50
C GLU D 151 -42.42 -28.41 32.33
N PHE D 152 -41.83 -29.60 32.43
CA PHE D 152 -41.79 -30.52 31.31
C PHE D 152 -42.24 -31.92 31.75
N PHE D 153 -42.98 -32.59 30.88
CA PHE D 153 -43.33 -33.99 31.06
C PHE D 153 -42.26 -34.81 30.39
N ILE D 154 -41.53 -35.58 31.19
CA ILE D 154 -40.40 -36.36 30.68
C ILE D 154 -40.50 -37.73 31.34
N ASN D 155 -40.59 -38.77 30.49
CA ASN D 155 -40.56 -40.14 30.96
C ASN D 155 -41.58 -40.44 32.05
N GLY D 156 -42.82 -40.05 31.80
CA GLY D 156 -43.93 -40.43 32.63
C GLY D 156 -44.26 -39.53 33.84
N ARG D 157 -43.56 -38.43 34.01
N ARG D 157 -43.56 -38.43 34.00
CA ARG D 157 -43.85 -37.52 35.11
CA ARG D 157 -43.76 -37.54 35.12
C ARG D 157 -43.40 -36.11 34.78
C ARG D 157 -43.39 -36.12 34.78
N TYR D 158 -43.96 -35.16 35.50
CA TYR D 158 -43.52 -33.77 35.37
C TYR D 158 -42.26 -33.54 36.16
N GLN D 159 -41.33 -32.84 35.54
CA GLN D 159 -40.01 -32.55 36.10
C GLN D 159 -39.72 -31.07 36.17
N ASP D 160 -38.90 -30.71 37.14
CA ASP D 160 -38.44 -29.34 37.33
C ASP D 160 -37.13 -29.11 36.53
N VAL D 161 -36.93 -27.87 36.09
CA VAL D 161 -35.71 -27.47 35.41
C VAL D 161 -35.14 -26.19 35.99
N LYS D 162 -33.82 -26.06 35.93
CA LYS D 162 -33.20 -24.78 36.19
C LYS D 162 -33.17 -23.97 34.88
N ARG D 163 -33.42 -22.67 35.01
CA ARG D 163 -33.07 -21.69 33.97
C ARG D 163 -31.79 -21.02 34.44
N MET D 164 -30.77 -21.03 33.58
CA MET D 164 -29.46 -20.48 33.94
C MET D 164 -29.03 -19.47 32.87
N TYR D 165 -28.21 -18.50 33.24
CA TYR D 165 -27.81 -17.45 32.29
C TYR D 165 -26.39 -17.00 32.49
N ILE D 166 -25.87 -16.36 31.44
CA ILE D 166 -24.62 -15.62 31.51
C ILE D 166 -24.78 -14.37 30.62
N LEU D 167 -24.20 -13.26 31.09
CA LEU D 167 -24.21 -11.99 30.36
C LEU D 167 -22.90 -11.73 29.64
N GLN D 168 -22.99 -10.96 28.55
CA GLN D 168 -21.83 -10.61 27.74
C GLN D 168 -20.80 -9.87 28.58
N SER D 169 -21.22 -8.99 29.48
CA SER D 169 -20.29 -8.23 30.33
C SER D 169 -19.46 -9.17 31.20
N LYS D 170 -20.09 -10.19 31.77
CA LYS D 170 -19.34 -11.12 32.62
C LYS D 170 -18.36 -11.92 31.77
N TYR D 171 -18.82 -12.36 30.59
CA TYR D 171 -17.97 -13.15 29.72
C TYR D 171 -16.74 -12.37 29.23
N LEU D 172 -16.96 -11.12 28.79
CA LEU D 172 -15.89 -10.35 28.18
C LEU D 172 -15.01 -9.64 29.17
N ASN D 173 -15.50 -9.30 30.33
CA ASN D 173 -14.76 -8.30 31.14
C ASN D 173 -13.88 -8.99 32.15
N ARG D 174 -12.79 -8.32 32.48
CA ARG D 174 -11.98 -8.75 33.59
C ARG D 174 -12.55 -8.09 34.82
N SER D 175 -12.72 -8.85 35.88
CA SER D 175 -13.19 -8.36 37.16
C SER D 175 -12.09 -8.37 38.22
N GLU D 176 -10.90 -8.87 37.86
CA GLU D 176 -9.70 -8.75 38.66
C GLU D 176 -8.53 -8.17 37.85
N GLN E 7 -1.34 -14.86 -15.67
N GLN E 7 -1.65 -15.66 -16.33
CA GLN E 7 -1.04 -15.97 -14.77
CA GLN E 7 -1.14 -15.97 -14.96
C GLN E 7 -2.38 -16.04 -14.00
C GLN E 7 -2.38 -16.02 -14.04
N LEU E 8 -2.67 -15.01 -13.22
CA LEU E 8 -3.94 -14.96 -12.48
C LEU E 8 -5.03 -14.41 -13.43
N THR E 9 -6.17 -15.05 -13.38
CA THR E 9 -7.36 -14.57 -14.10
C THR E 9 -8.53 -14.30 -13.14
N LEU E 10 -9.23 -13.23 -13.44
N LEU E 10 -9.31 -13.32 -13.49
CA LEU E 10 -10.50 -12.90 -12.79
CA LEU E 10 -10.47 -12.89 -12.76
C LEU E 10 -11.63 -13.41 -13.65
C LEU E 10 -11.65 -13.35 -13.59
N ARG E 11 -12.63 -14.08 -13.04
CA ARG E 11 -13.78 -14.52 -13.81
C ARG E 11 -14.99 -14.50 -12.91
N ALA E 12 -16.16 -14.51 -13.54
CA ALA E 12 -17.41 -14.54 -12.79
C ALA E 12 -17.48 -15.75 -11.88
N LEU E 13 -18.03 -15.52 -10.69
CA LEU E 13 -18.35 -16.60 -9.76
C LEU E 13 -19.35 -17.56 -10.41
N GLU E 14 -19.13 -18.84 -10.17
CA GLU E 14 -20.01 -19.90 -10.68
C GLU E 14 -20.42 -20.84 -9.55
N ARG E 15 -21.43 -21.66 -9.79
CA ARG E 15 -21.93 -22.54 -8.75
C ARG E 15 -20.86 -23.51 -8.23
N GLY E 16 -20.00 -23.96 -9.12
CA GLY E 16 -18.93 -24.86 -8.72
C GLY E 16 -17.88 -24.29 -7.80
N ASP E 17 -17.86 -22.96 -7.66
CA ASP E 17 -16.92 -22.27 -6.80
C ASP E 17 -17.46 -22.08 -5.38
N LEU E 18 -18.71 -22.49 -5.12
CA LEU E 18 -19.32 -22.16 -3.84
C LEU E 18 -18.66 -22.86 -2.65
N ARG E 19 -18.12 -24.09 -2.84
CA ARG E 19 -17.45 -24.74 -1.72
C ARG E 19 -16.21 -23.97 -1.30
N PHE E 20 -15.50 -23.38 -2.26
CA PHE E 20 -14.34 -22.53 -1.96
C PHE E 20 -14.77 -21.34 -1.10
N ILE E 21 -15.84 -20.66 -1.51
N ILE E 21 -15.84 -20.66 -1.50
CA ILE E 21 -16.34 -19.52 -0.74
CA ILE E 21 -16.36 -19.52 -0.73
C ILE E 21 -16.78 -19.94 0.68
C ILE E 21 -16.80 -19.95 0.68
N HIS E 22 -17.48 -21.09 0.74
CA HIS E 22 -17.96 -21.59 2.03
C HIS E 22 -16.79 -21.83 3.00
N ASN E 23 -15.70 -22.39 2.49
CA ASN E 23 -14.54 -22.66 3.33
C ASN E 23 -13.95 -21.37 3.86
N LEU E 24 -13.84 -20.34 2.99
CA LEU E 24 -13.36 -19.06 3.45
C LEU E 24 -14.24 -18.41 4.51
N ASN E 25 -15.55 -18.58 4.35
CA ASN E 25 -16.53 -18.19 5.33
C ASN E 25 -16.52 -18.87 6.66
N ASN E 26 -15.77 -19.96 6.79
CA ASN E 26 -15.56 -20.61 8.10
C ASN E 26 -14.22 -20.20 8.78
N ASN E 27 -13.56 -19.19 8.19
CA ASN E 27 -12.39 -18.58 8.79
C ASN E 27 -12.86 -17.21 9.26
N ARG E 28 -12.96 -17.08 10.57
CA ARG E 28 -13.43 -15.83 11.17
C ARG E 28 -12.50 -14.69 10.88
N ASN E 29 -11.20 -14.88 10.80
CA ASN E 29 -10.29 -13.78 10.51
C ASN E 29 -10.53 -13.24 9.11
N ILE E 30 -10.66 -14.11 8.15
N ILE E 30 -10.65 -14.13 8.13
CA ILE E 30 -10.95 -13.70 6.76
CA ILE E 30 -10.94 -13.71 6.75
C ILE E 30 -12.29 -12.95 6.68
C ILE E 30 -12.28 -12.94 6.66
N MET E 31 -13.33 -13.49 7.28
CA MET E 31 -14.64 -12.86 7.21
C MET E 31 -14.70 -11.48 7.92
N SER E 32 -13.87 -11.33 8.94
CA SER E 32 -13.81 -10.04 9.66
C SER E 32 -13.30 -8.95 8.76
N TYR E 33 -12.47 -9.24 7.76
CA TYR E 33 -11.99 -8.24 6.80
C TYR E 33 -13.10 -7.67 5.95
N TRP E 34 -14.20 -8.46 5.80
N TRP E 34 -14.21 -8.34 5.81
CA TRP E 34 -15.38 -8.01 5.07
CA TRP E 34 -15.30 -7.65 5.15
C TRP E 34 -16.51 -7.54 5.99
C TRP E 34 -16.52 -7.53 5.98
N PHE E 35 -16.32 -7.64 7.29
CA PHE E 35 -17.37 -7.28 8.27
C PHE E 35 -18.62 -8.11 8.06
N GLU E 36 -18.36 -9.40 7.68
CA GLU E 36 -19.46 -10.32 7.39
C GLU E 36 -19.52 -11.41 8.42
N GLU E 37 -20.70 -11.86 8.80
CA GLU E 37 -20.80 -12.86 9.83
C GLU E 37 -20.27 -14.24 9.31
N PRO E 38 -19.32 -14.88 10.02
CA PRO E 38 -18.78 -16.12 9.56
C PRO E 38 -19.74 -17.26 9.84
N TYR E 39 -19.39 -18.42 9.36
CA TYR E 39 -20.11 -19.67 9.68
C TYR E 39 -21.51 -19.77 9.08
N GLU E 40 -21.69 -19.17 7.92
N GLU E 40 -21.70 -19.19 7.89
CA GLU E 40 -22.91 -19.39 7.14
CA GLU E 40 -22.92 -19.37 7.13
C GLU E 40 -23.04 -20.77 6.56
C GLU E 40 -23.02 -20.80 6.58
N SER E 41 -24.24 -21.35 6.58
CA SER E 41 -24.44 -22.66 5.98
C SER E 41 -24.15 -22.65 4.49
N PHE E 42 -23.65 -23.77 3.96
CA PHE E 42 -23.52 -23.89 2.52
C PHE E 42 -24.86 -23.61 1.82
N ASP E 43 -25.97 -24.03 2.44
CA ASP E 43 -27.24 -23.88 1.78
C ASP E 43 -27.73 -22.41 1.79
N GLU E 44 -27.41 -21.65 2.82
CA GLU E 44 -27.71 -20.22 2.81
C GLU E 44 -26.91 -19.55 1.68
N LEU E 45 -25.62 -19.85 1.60
CA LEU E 45 -24.73 -19.28 0.56
C LEU E 45 -25.28 -19.62 -0.84
N GLU E 46 -25.63 -20.89 -1.07
CA GLU E 46 -26.12 -21.29 -2.35
C GLU E 46 -27.47 -20.64 -2.74
N GLU E 47 -28.38 -20.59 -1.77
CA GLU E 47 -29.66 -19.97 -2.03
C GLU E 47 -29.54 -18.44 -2.25
N LEU E 48 -28.62 -17.78 -1.58
CA LEU E 48 -28.35 -16.36 -1.83
C LEU E 48 -27.74 -16.19 -3.21
N TYR E 49 -26.82 -17.07 -3.61
CA TYR E 49 -26.27 -17.06 -4.97
C TYR E 49 -27.42 -17.15 -5.97
N ASN E 50 -28.34 -18.09 -5.75
CA ASN E 50 -29.46 -18.26 -6.66
C ASN E 50 -30.33 -16.97 -6.74
N LYS E 51 -30.58 -16.38 -5.59
CA LYS E 51 -31.45 -15.20 -5.50
C LYS E 51 -30.88 -14.03 -6.29
N HIS E 52 -29.56 -13.91 -6.33
CA HIS E 52 -28.89 -12.75 -6.94
C HIS E 52 -28.35 -12.98 -8.35
N ILE E 53 -28.70 -14.11 -9.00
N ILE E 53 -28.71 -14.10 -8.98
CA ILE E 53 -28.19 -14.37 -10.35
CA ILE E 53 -28.20 -14.38 -10.34
C ILE E 53 -28.37 -13.18 -11.29
C ILE E 53 -28.37 -13.18 -11.29
N HIS E 54 -29.55 -12.57 -11.27
CA HIS E 54 -29.86 -11.46 -12.19
C HIS E 54 -29.73 -10.09 -11.54
N ASP E 55 -29.13 -10.02 -10.35
CA ASP E 55 -29.01 -8.74 -9.65
C ASP E 55 -27.89 -7.92 -10.30
N ASN E 56 -28.27 -6.81 -10.94
CA ASN E 56 -27.32 -5.99 -11.64
C ASN E 56 -26.46 -5.09 -10.72
N ALA E 57 -26.76 -5.08 -9.43
CA ALA E 57 -26.05 -4.27 -8.47
C ALA E 57 -24.79 -4.90 -7.91
N GLU E 58 -24.41 -6.09 -8.38
CA GLU E 58 -23.17 -6.72 -7.92
C GLU E 58 -22.48 -7.43 -9.06
N ARG E 59 -21.16 -7.53 -8.94
CA ARG E 59 -20.33 -8.40 -9.78
C ARG E 59 -19.36 -9.11 -8.83
N ARG E 60 -19.51 -10.41 -8.72
N ARG E 60 -19.55 -10.42 -8.67
CA ARG E 60 -18.69 -11.25 -7.85
CA ARG E 60 -18.71 -11.26 -7.85
C ARG E 60 -17.75 -12.08 -8.74
C ARG E 60 -17.75 -12.06 -8.73
N PHE E 61 -16.46 -11.97 -8.45
CA PHE E 61 -15.44 -12.66 -9.22
C PHE E 61 -14.67 -13.62 -8.32
N VAL E 62 -14.19 -14.69 -8.94
CA VAL E 62 -13.17 -15.51 -8.33
C VAL E 62 -11.87 -15.29 -9.10
N VAL E 63 -10.77 -15.56 -8.41
CA VAL E 63 -9.44 -15.43 -8.97
C VAL E 63 -8.86 -16.84 -9.08
N GLU E 64 -8.36 -17.20 -10.25
CA GLU E 64 -7.76 -18.50 -10.46
C GLU E 64 -6.37 -18.34 -11.05
N ASP E 65 -5.50 -19.32 -10.76
CA ASP E 65 -4.20 -19.37 -11.41
C ASP E 65 -4.30 -20.18 -12.73
N ALA E 66 -3.16 -20.37 -13.40
CA ALA E 66 -3.16 -21.08 -14.68
C ALA E 66 -3.58 -22.54 -14.58
N GLN E 67 -3.38 -23.15 -13.42
CA GLN E 67 -3.78 -24.54 -13.16
C GLN E 67 -5.22 -24.65 -12.63
N LYS E 68 -5.96 -23.54 -12.61
CA LYS E 68 -7.35 -23.48 -12.14
C LYS E 68 -7.51 -23.63 -10.62
N ASN E 69 -6.44 -23.43 -9.86
CA ASN E 69 -6.55 -23.34 -8.40
C ASN E 69 -7.23 -22.00 -8.08
N LEU E 70 -8.19 -22.05 -7.17
CA LEU E 70 -8.83 -20.84 -6.67
C LEU E 70 -7.94 -20.14 -5.64
N ILE E 71 -7.63 -18.89 -5.94
CA ILE E 71 -6.69 -18.04 -5.20
C ILE E 71 -7.45 -17.12 -4.23
N GLY E 72 -8.63 -16.64 -4.64
CA GLY E 72 -9.26 -15.57 -3.89
C GLY E 72 -10.53 -15.10 -4.55
N LEU E 73 -11.06 -14.01 -4.02
CA LEU E 73 -12.33 -13.44 -4.45
C LEU E 73 -12.21 -11.94 -4.56
N VAL E 74 -12.86 -11.37 -5.55
CA VAL E 74 -12.93 -9.89 -5.71
C VAL E 74 -14.35 -9.56 -6.02
N GLU E 75 -14.92 -8.57 -5.35
CA GLU E 75 -16.33 -8.24 -5.59
C GLU E 75 -16.54 -6.75 -5.64
N LEU E 76 -17.49 -6.39 -6.50
CA LEU E 76 -18.01 -5.01 -6.60
C LEU E 76 -19.49 -5.12 -6.23
N ILE E 77 -19.88 -4.42 -5.16
CA ILE E 77 -21.24 -4.56 -4.62
C ILE E 77 -21.85 -3.18 -4.45
N GLU E 78 -23.15 -3.13 -4.25
CA GLU E 78 -23.88 -1.88 -4.08
C GLU E 78 -23.64 -0.94 -5.26
N ILE E 79 -23.59 -1.52 -6.47
CA ILE E 79 -23.34 -0.70 -7.64
C ILE E 79 -24.56 0.15 -7.89
N ASN E 80 -24.39 1.46 -7.96
CA ASN E 80 -25.48 2.41 -8.15
C ASN E 80 -25.20 3.11 -9.47
N TYR E 81 -26.14 3.07 -10.38
CA TYR E 81 -25.88 3.56 -11.76
C TYR E 81 -26.35 4.97 -12.00
N ILE E 82 -26.83 5.66 -10.98
CA ILE E 82 -27.03 7.15 -11.07
C ILE E 82 -25.81 7.85 -10.48
N HIS E 83 -25.46 7.48 -9.25
CA HIS E 83 -24.26 8.03 -8.59
C HIS E 83 -22.98 7.45 -9.16
N ARG E 84 -23.10 6.31 -9.83
N ARG E 84 -23.10 6.31 -9.84
CA ARG E 84 -21.96 5.66 -10.47
CA ARG E 84 -21.97 5.63 -10.45
C ARG E 84 -20.88 5.27 -9.47
C ARG E 84 -20.87 5.28 -9.47
N SER E 85 -21.30 4.67 -8.37
CA SER E 85 -20.39 4.23 -7.32
C SER E 85 -20.58 2.77 -7.02
N ALA E 86 -19.56 2.16 -6.40
CA ALA E 86 -19.63 0.78 -5.92
C ALA E 86 -18.64 0.58 -4.82
N GLU E 87 -18.92 -0.41 -3.97
CA GLU E 87 -18.01 -0.85 -2.93
C GLU E 87 -17.19 -2.04 -3.40
N PHE E 88 -15.88 -1.98 -3.17
CA PHE E 88 -14.93 -3.01 -3.52
C PHE E 88 -14.54 -3.84 -2.31
N GLN E 89 -14.40 -5.14 -2.50
N GLN E 89 -14.40 -5.16 -2.50
CA GLN E 89 -13.83 -6.02 -1.47
CA GLN E 89 -13.91 -6.07 -1.45
C GLN E 89 -12.97 -7.11 -2.12
C GLN E 89 -13.00 -7.12 -2.11
N ILE E 90 -11.95 -7.52 -1.40
CA ILE E 90 -11.03 -8.56 -1.87
C ILE E 90 -10.62 -9.48 -0.73
N ILE E 91 -10.55 -10.78 -1.04
CA ILE E 91 -9.95 -11.78 -0.16
C ILE E 91 -8.94 -12.60 -0.97
N ILE E 92 -7.78 -12.77 -0.38
N ILE E 92 -7.77 -12.78 -0.38
CA ILE E 92 -6.81 -13.75 -0.91
CA ILE E 92 -6.81 -13.77 -0.84
C ILE E 92 -6.80 -14.89 0.13
C ILE E 92 -6.83 -14.91 0.15
N ALA E 93 -6.90 -16.14 -0.35
CA ALA E 93 -6.90 -17.31 0.56
C ALA E 93 -5.59 -17.34 1.35
N PRO E 94 -5.63 -17.76 2.62
CA PRO E 94 -4.44 -17.72 3.47
C PRO E 94 -3.17 -18.32 2.82
N GLU E 95 -3.32 -19.44 2.14
CA GLU E 95 -2.17 -20.11 1.53
C GLU E 95 -1.54 -19.30 0.38
N HIS E 96 -2.26 -18.31 -0.16
CA HIS E 96 -1.74 -17.50 -1.27
C HIS E 96 -1.42 -16.05 -0.88
N GLN E 97 -1.62 -15.71 0.39
CA GLN E 97 -1.33 -14.37 0.89
C GLN E 97 0.20 -14.26 0.97
N GLY E 98 0.70 -13.05 0.73
CA GLY E 98 2.12 -12.78 0.82
C GLY E 98 2.91 -13.21 -0.41
N LYS E 99 2.20 -13.45 -1.53
CA LYS E 99 2.83 -13.80 -2.79
C LYS E 99 2.85 -12.65 -3.80
N GLY E 100 2.41 -11.47 -3.37
CA GLY E 100 2.47 -10.28 -4.20
C GLY E 100 1.35 -10.15 -5.22
N PHE E 101 0.24 -10.87 -5.03
CA PHE E 101 -0.88 -10.85 -5.97
C PHE E 101 -1.80 -9.61 -5.83
N ALA E 102 -1.86 -9.07 -4.62
CA ALA E 102 -2.97 -8.19 -4.29
C ALA E 102 -3.02 -6.94 -5.13
N ARG E 103 -1.90 -6.27 -5.33
N ARG E 103 -1.90 -6.26 -5.36
CA ARG E 103 -1.90 -5.01 -6.08
CA ARG E 103 -1.91 -5.02 -6.17
C ARG E 103 -2.49 -5.22 -7.47
C ARG E 103 -2.49 -5.25 -7.53
N THR E 104 -2.07 -6.33 -8.11
N THR E 104 -2.06 -6.34 -8.17
CA THR E 104 -2.51 -6.59 -9.45
CA THR E 104 -2.51 -6.59 -9.51
C THR E 104 -4.03 -6.81 -9.48
C THR E 104 -4.03 -6.81 -9.50
N LEU E 105 -4.54 -7.58 -8.53
CA LEU E 105 -5.98 -7.84 -8.45
C LEU E 105 -6.77 -6.62 -8.16
N ILE E 106 -6.30 -5.76 -7.26
CA ILE E 106 -6.97 -4.48 -6.96
C ILE E 106 -7.04 -3.66 -8.25
N ASN E 107 -5.91 -3.58 -8.96
CA ASN E 107 -5.91 -2.78 -10.19
C ASN E 107 -6.83 -3.35 -11.24
N ARG E 108 -6.91 -4.67 -11.35
CA ARG E 108 -7.85 -5.30 -12.29
C ARG E 108 -9.29 -5.03 -11.93
N ALA E 109 -9.62 -4.99 -10.66
CA ALA E 109 -10.99 -4.63 -10.22
C ALA E 109 -11.33 -3.20 -10.54
N LEU E 110 -10.36 -2.30 -10.35
CA LEU E 110 -10.56 -0.91 -10.72
C LEU E 110 -10.69 -0.75 -12.24
N ASP E 111 -9.89 -1.48 -12.98
CA ASP E 111 -10.01 -1.48 -14.43
C ASP E 111 -11.40 -1.90 -14.88
N TYR E 112 -11.92 -2.95 -14.26
CA TYR E 112 -13.27 -3.42 -14.63
C TYR E 112 -14.29 -2.30 -14.33
N SER E 113 -14.16 -1.74 -13.12
CA SER E 113 -15.09 -0.68 -12.67
C SER E 113 -15.10 0.52 -13.61
N PHE E 114 -13.92 0.94 -14.04
CA PHE E 114 -13.77 2.23 -14.72
C PHE E 114 -13.76 2.13 -16.24
N THR E 115 -13.32 0.99 -16.78
CA THR E 115 -13.21 0.80 -18.23
C THR E 115 -14.32 -0.04 -18.85
N ILE E 116 -15.04 -0.82 -18.01
N ILE E 116 -15.04 -0.81 -18.02
CA ILE E 116 -16.16 -1.62 -18.47
CA ILE E 116 -16.16 -1.62 -18.48
C ILE E 116 -17.48 -1.13 -17.92
C ILE E 116 -17.47 -1.11 -17.92
N LEU E 117 -17.59 -1.00 -16.60
CA LEU E 117 -18.87 -0.56 -16.00
C LEU E 117 -19.06 0.95 -16.06
N ASN E 118 -18.01 1.71 -16.41
CA ASN E 118 -18.15 3.17 -16.56
C ASN E 118 -18.56 3.84 -15.27
N LEU E 119 -18.01 3.38 -14.16
CA LEU E 119 -18.29 3.97 -12.85
C LEU E 119 -17.43 5.19 -12.60
N HIS E 120 -17.86 6.02 -11.67
CA HIS E 120 -17.19 7.25 -11.24
C HIS E 120 -16.36 7.08 -9.99
N LYS E 121 -16.82 6.26 -9.03
CA LYS E 121 -16.18 6.18 -7.70
C LYS E 121 -16.23 4.75 -7.21
N ILE E 122 -15.08 4.28 -6.71
CA ILE E 122 -15.00 3.01 -5.97
C ILE E 122 -14.54 3.34 -4.56
N TYR E 123 -15.22 2.77 -3.56
CA TYR E 123 -14.85 2.94 -2.18
C TYR E 123 -14.74 1.60 -1.47
N LEU E 124 -14.09 1.61 -0.32
CA LEU E 124 -13.89 0.41 0.50
C LEU E 124 -13.84 0.78 1.96
N HIS E 125 -13.99 -0.22 2.80
CA HIS E 125 -13.83 -0.08 4.26
C HIS E 125 -12.75 -1.02 4.71
N VAL E 126 -11.91 -0.52 5.63
CA VAL E 126 -10.79 -1.30 6.18
C VAL E 126 -10.58 -0.91 7.64
N ALA E 127 -10.40 -1.89 8.51
CA ALA E 127 -10.18 -1.61 9.94
C ALA E 127 -8.94 -0.77 10.15
N VAL E 128 -9.05 0.21 11.06
N VAL E 128 -9.06 0.21 11.04
CA VAL E 128 -7.91 1.05 11.38
CA VAL E 128 -7.94 1.06 11.43
C VAL E 128 -6.77 0.24 12.03
C VAL E 128 -6.79 0.23 12.02
N GLU E 129 -7.12 -0.89 12.66
CA GLU E 129 -6.14 -1.80 13.24
C GLU E 129 -5.49 -2.73 12.20
N ASN E 130 -5.76 -2.52 10.91
N ASN E 130 -5.76 -2.53 10.90
CA ASN E 130 -5.08 -3.22 9.82
CA ASN E 130 -5.08 -3.26 9.83
C ASN E 130 -4.31 -2.21 8.96
C ASN E 130 -4.30 -2.23 8.97
N PRO E 131 -3.30 -1.55 9.55
CA PRO E 131 -2.54 -0.55 8.81
C PRO E 131 -1.81 -1.07 7.56
N LYS E 132 -1.42 -2.33 7.55
CA LYS E 132 -0.76 -2.87 6.34
C LYS E 132 -1.72 -2.85 5.15
N ALA E 133 -2.97 -3.13 5.39
CA ALA E 133 -3.99 -3.11 4.33
C ALA E 133 -4.27 -1.65 3.91
N VAL E 134 -4.39 -0.75 4.89
CA VAL E 134 -4.55 0.67 4.58
C VAL E 134 -3.45 1.14 3.63
N HIS E 135 -2.21 0.79 3.98
CA HIS E 135 -1.07 1.19 3.18
C HIS E 135 -1.08 0.60 1.77
N LEU E 136 -1.49 -0.66 1.63
CA LEU E 136 -1.59 -1.28 0.30
C LEU E 136 -2.64 -0.51 -0.53
N TYR E 137 -3.80 -0.21 0.07
CA TYR E 137 -4.82 0.52 -0.69
C TYR E 137 -4.33 1.92 -1.10
N GLU E 138 -3.59 2.58 -0.21
CA GLU E 138 -2.97 3.88 -0.57
C GLU E 138 -2.03 3.78 -1.75
N GLU E 139 -1.22 2.72 -1.80
CA GLU E 139 -0.32 2.50 -2.94
C GLU E 139 -1.07 2.33 -4.25
N CYS E 140 -2.30 1.80 -4.17
CA CYS E 140 -3.15 1.61 -5.33
C CYS E 140 -3.97 2.84 -5.70
N GLY E 141 -3.80 3.93 -4.98
CA GLY E 141 -4.46 5.19 -5.30
C GLY E 141 -5.66 5.56 -4.45
N PHE E 142 -6.05 4.71 -3.50
CA PHE E 142 -7.13 5.02 -2.60
C PHE E 142 -6.68 6.06 -1.57
N VAL E 143 -7.60 6.94 -1.16
N VAL E 143 -7.61 6.89 -1.12
CA VAL E 143 -7.34 7.88 -0.07
CA VAL E 143 -7.38 7.93 -0.12
C VAL E 143 -8.46 7.85 0.95
C VAL E 143 -8.47 7.84 0.94
N GLU E 144 -8.11 8.09 2.20
CA GLU E 144 -9.09 8.14 3.27
C GLU E 144 -10.04 9.34 3.09
N GLU E 145 -11.33 9.03 3.19
CA GLU E 145 -12.40 10.05 3.27
C GLU E 145 -13.23 9.97 4.53
N GLY E 146 -13.05 8.94 5.36
CA GLY E 146 -13.74 8.84 6.63
C GLY E 146 -12.98 7.95 7.59
N HIS E 147 -13.22 8.20 8.87
CA HIS E 147 -12.72 7.38 9.97
C HIS E 147 -13.95 7.12 10.82
N LEU E 148 -14.61 6.00 10.54
CA LEU E 148 -15.93 5.70 11.05
C LEU E 148 -15.78 5.11 12.45
N VAL E 149 -16.41 5.78 13.44
CA VAL E 149 -16.16 5.51 14.84
C VAL E 149 -17.07 4.38 15.35
N GLU E 150 -16.46 3.31 15.86
CA GLU E 150 -17.23 2.21 16.42
C GLU E 150 -18.29 1.70 15.44
N GLU E 151 -17.90 1.60 14.17
CA GLU E 151 -18.83 1.21 13.10
C GLU E 151 -19.25 -0.25 13.16
N PHE E 152 -18.32 -1.12 13.50
CA PHE E 152 -18.58 -2.57 13.44
C PHE E 152 -18.16 -3.24 14.74
N PHE E 153 -18.95 -4.21 15.17
CA PHE E 153 -18.59 -5.07 16.31
C PHE E 153 -17.84 -6.25 15.74
N ILE E 154 -16.55 -6.35 16.07
CA ILE E 154 -15.68 -7.37 15.51
C ILE E 154 -14.84 -7.90 16.66
N ASN E 155 -14.88 -9.21 16.84
CA ASN E 155 -14.04 -9.88 17.85
C ASN E 155 -14.19 -9.27 19.24
N GLY E 156 -15.45 -9.06 19.67
CA GLY E 156 -15.69 -8.69 21.04
C GLY E 156 -15.66 -7.22 21.40
N ARG E 157 -15.51 -6.34 20.41
CA ARG E 157 -15.48 -4.90 20.69
C ARG E 157 -15.87 -4.14 19.45
N TYR E 158 -16.31 -2.90 19.64
CA TYR E 158 -16.55 -2.04 18.49
C TYR E 158 -15.24 -1.46 17.99
N GLN E 159 -15.10 -1.50 16.66
CA GLN E 159 -13.89 -1.07 15.98
C GLN E 159 -14.17 0.05 15.00
N ASP E 160 -13.12 0.87 14.83
CA ASP E 160 -13.17 1.95 13.86
C ASP E 160 -12.66 1.44 12.52
N VAL E 161 -13.18 2.03 11.44
CA VAL E 161 -12.73 1.68 10.08
C VAL E 161 -12.45 2.94 9.28
N LYS E 162 -11.50 2.83 8.37
CA LYS E 162 -11.34 3.86 7.36
C LYS E 162 -12.28 3.56 6.20
N ARG E 163 -12.91 4.62 5.66
CA ARG E 163 -13.54 4.56 4.35
C ARG E 163 -12.56 5.23 3.39
N MET E 164 -12.24 4.54 2.30
CA MET E 164 -11.25 5.01 1.35
C MET E 164 -11.84 4.97 -0.05
N TYR E 165 -11.37 5.85 -0.94
CA TYR E 165 -11.97 5.93 -2.28
C TYR E 165 -10.94 6.23 -3.35
N ILE E 166 -11.35 5.96 -4.59
CA ILE E 166 -10.64 6.42 -5.77
C ILE E 166 -11.71 6.74 -6.83
N LEU E 167 -11.44 7.82 -7.58
CA LEU E 167 -12.31 8.23 -8.69
C LEU E 167 -11.80 7.78 -10.05
N GLN E 168 -12.72 7.66 -11.00
CA GLN E 168 -12.41 7.28 -12.38
C GLN E 168 -11.33 8.21 -12.98
N SER E 169 -11.47 9.51 -12.72
CA SER E 169 -10.51 10.50 -13.23
C SER E 169 -9.09 10.23 -12.72
N LYS E 170 -8.96 9.90 -11.44
CA LYS E 170 -7.64 9.61 -10.88
C LYS E 170 -7.06 8.35 -11.49
N TYR E 171 -7.90 7.32 -11.60
CA TYR E 171 -7.44 6.03 -12.16
C TYR E 171 -6.98 6.17 -13.61
N LEU E 172 -7.74 6.92 -14.42
CA LEU E 172 -7.41 7.13 -15.82
C LEU E 172 -6.38 8.23 -16.02
N ASN E 173 -6.00 8.95 -14.95
CA ASN E 173 -5.02 10.02 -14.94
C ASN E 173 -5.53 11.35 -15.56
N ARG E 174 -6.84 11.57 -15.48
CA ARG E 174 -7.51 12.76 -16.05
C ARG E 174 -7.40 13.99 -15.13
N GLN F 7 67.40 -3.21 -0.75
CA GLN F 7 66.66 -4.45 -1.10
C GLN F 7 65.33 -4.16 -1.85
N LEU F 8 64.18 -3.95 -1.19
CA LEU F 8 62.99 -3.53 -1.87
C LEU F 8 63.02 -2.01 -2.08
N THR F 9 62.66 -1.60 -3.29
CA THR F 9 62.49 -0.19 -3.60
C THR F 9 61.07 0.12 -4.05
N LEU F 10 60.61 1.29 -3.61
N LEU F 10 60.70 1.35 -3.85
CA LEU F 10 59.37 1.90 -4.11
CA LEU F 10 59.38 1.82 -4.11
C LEU F 10 59.71 2.86 -5.22
C LEU F 10 59.56 2.94 -5.13
N ARG F 11 58.96 2.81 -6.33
CA ARG F 11 59.15 3.79 -7.39
C ARG F 11 57.85 4.06 -8.08
N ALA F 12 57.79 5.16 -8.81
CA ALA F 12 56.58 5.51 -9.55
C ALA F 12 56.22 4.42 -10.54
N LEU F 13 54.92 4.19 -10.66
CA LEU F 13 54.36 3.33 -11.70
C LEU F 13 54.75 3.88 -13.08
N GLU F 14 55.08 2.97 -13.98
CA GLU F 14 55.43 3.32 -15.36
C GLU F 14 54.62 2.45 -16.33
N ARG F 15 54.60 2.84 -17.60
CA ARG F 15 53.82 2.13 -18.59
C ARG F 15 54.24 0.66 -18.72
N GLY F 16 55.54 0.40 -18.59
CA GLY F 16 56.02 -0.96 -18.67
C GLY F 16 55.60 -1.90 -17.57
N ASP F 17 55.04 -1.34 -16.48
CA ASP F 17 54.57 -2.10 -15.35
C ASP F 17 53.10 -2.50 -15.50
N LEU F 18 52.43 -2.06 -16.57
CA LEU F 18 50.98 -2.26 -16.63
C LEU F 18 50.57 -3.72 -16.80
N ARG F 19 51.41 -4.56 -17.47
CA ARG F 19 51.05 -5.96 -17.57
C ARG F 19 51.03 -6.63 -16.20
N PHE F 20 51.96 -6.23 -15.30
CA PHE F 20 51.98 -6.73 -13.94
C PHE F 20 50.68 -6.37 -13.21
N ILE F 21 50.26 -5.10 -13.32
N ILE F 21 50.26 -5.13 -13.33
CA ILE F 21 49.03 -4.67 -12.69
CA ILE F 21 49.01 -4.68 -12.70
C ILE F 21 47.81 -5.43 -13.25
C ILE F 21 47.79 -5.39 -13.28
N HIS F 22 47.79 -5.58 -14.58
CA HIS F 22 46.69 -6.28 -15.24
C HIS F 22 46.56 -7.71 -14.73
N ASN F 23 47.68 -8.39 -14.54
CA ASN F 23 47.64 -9.75 -14.04
C ASN F 23 47.07 -9.83 -12.64
N LEU F 24 47.49 -8.88 -11.78
CA LEU F 24 46.92 -8.82 -10.44
C LEU F 24 45.41 -8.55 -10.43
N ASN F 25 44.97 -7.69 -11.35
CA ASN F 25 43.58 -7.44 -11.59
C ASN F 25 42.73 -8.55 -12.10
N ASN F 26 43.34 -9.66 -12.53
CA ASN F 26 42.59 -10.88 -12.90
C ASN F 26 42.56 -11.94 -11.77
N ASN F 27 43.02 -11.52 -10.57
CA ASN F 27 42.92 -12.32 -9.36
C ASN F 27 41.84 -11.62 -8.53
N ARG F 28 40.70 -12.26 -8.45
CA ARG F 28 39.56 -11.68 -7.73
C ARG F 28 39.86 -11.56 -6.26
N ASN F 29 40.62 -12.45 -5.65
CA ASN F 29 40.91 -12.32 -4.23
C ASN F 29 41.75 -11.09 -3.97
N ILE F 30 42.77 -10.88 -4.77
N ILE F 30 42.81 -10.88 -4.76
CA ILE F 30 43.61 -9.67 -4.62
CA ILE F 30 43.64 -9.67 -4.64
C ILE F 30 42.79 -8.38 -4.82
C ILE F 30 42.82 -8.39 -4.83
N MET F 31 41.98 -8.34 -5.87
CA MET F 31 41.20 -7.13 -6.14
C MET F 31 40.12 -6.82 -5.06
N SER F 32 39.64 -7.89 -4.41
CA SER F 32 38.67 -7.71 -3.34
C SER F 32 39.26 -6.97 -2.16
N TYR F 33 40.57 -7.07 -1.92
CA TYR F 33 41.25 -6.33 -0.86
C TYR F 33 41.22 -4.83 -1.08
N TRP F 34 41.08 -4.42 -2.36
N TRP F 34 41.00 -4.34 -2.27
CA TRP F 34 40.96 -3.02 -2.71
CA TRP F 34 40.81 -2.91 -2.36
C TRP F 34 39.51 -2.60 -2.99
C TRP F 34 39.49 -2.56 -2.99
N PHE F 35 38.58 -3.52 -2.93
CA PHE F 35 37.16 -3.26 -3.24
C PHE F 35 37.01 -2.76 -4.67
N GLU F 36 37.87 -3.34 -5.54
CA GLU F 36 37.88 -2.91 -6.95
C GLU F 36 37.38 -4.01 -7.84
N GLU F 37 36.67 -3.68 -8.91
CA GLU F 37 36.11 -4.70 -9.74
C GLU F 37 37.24 -5.40 -10.56
N PRO F 38 37.33 -6.77 -10.51
CA PRO F 38 38.38 -7.44 -11.18
C PRO F 38 38.08 -7.55 -12.66
N TYR F 39 39.01 -8.07 -13.41
CA TYR F 39 38.84 -8.41 -14.83
C TYR F 39 38.66 -7.21 -15.76
N GLU F 40 39.34 -6.12 -15.42
CA GLU F 40 39.43 -4.97 -16.32
C GLU F 40 40.31 -5.25 -17.52
N SER F 41 39.90 -4.77 -18.71
CA SER F 41 40.73 -4.94 -19.89
C SER F 41 42.08 -4.25 -19.74
N PHE F 42 43.13 -4.80 -20.35
CA PHE F 42 44.39 -4.11 -20.40
C PHE F 42 44.23 -2.70 -21.00
N ASP F 43 43.33 -2.56 -21.99
CA ASP F 43 43.20 -1.28 -22.64
C ASP F 43 42.47 -0.25 -21.74
N GLU F 44 41.53 -0.69 -20.93
CA GLU F 44 40.91 0.23 -19.96
C GLU F 44 41.98 0.70 -18.96
N LEU F 45 42.76 -0.23 -18.44
CA LEU F 45 43.83 0.09 -17.46
C LEU F 45 44.83 1.09 -18.09
N GLU F 46 45.27 0.84 -19.32
CA GLU F 46 46.22 1.71 -19.96
C GLU F 46 45.65 3.12 -20.26
N GLU F 47 44.42 3.16 -20.74
CA GLU F 47 43.81 4.45 -21.00
C GLU F 47 43.52 5.24 -19.71
N LEU F 48 43.19 4.57 -18.63
CA LEU F 48 43.06 5.25 -17.32
C LEU F 48 44.41 5.74 -16.83
N TYR F 49 45.46 4.94 -17.00
CA TYR F 49 46.83 5.39 -16.68
C TYR F 49 47.12 6.68 -17.47
N ASN F 50 46.81 6.69 -18.76
CA ASN F 50 47.08 7.86 -19.58
C ASN F 50 46.29 9.09 -19.06
N LYS F 51 45.03 8.88 -18.72
CA LYS F 51 44.16 9.96 -18.27
C LYS F 51 44.67 10.64 -17.01
N HIS F 52 45.30 9.85 -16.13
CA HIS F 52 45.72 10.35 -14.82
C HIS F 52 47.20 10.71 -14.71
N ILE F 53 47.93 10.77 -15.82
N ILE F 53 47.90 10.75 -15.83
CA ILE F 53 49.36 11.10 -15.76
CA ILE F 53 49.33 11.09 -15.80
C ILE F 53 49.62 12.35 -14.94
C ILE F 53 49.62 12.34 -14.96
N HIS F 54 48.84 13.40 -15.15
CA HIS F 54 49.06 14.70 -14.47
C HIS F 54 48.14 14.91 -13.27
N ASP F 55 47.45 13.85 -12.82
CA ASP F 55 46.52 13.99 -11.71
C ASP F 55 47.31 14.05 -10.42
N ASN F 56 47.27 15.21 -9.75
CA ASN F 56 48.02 15.42 -8.55
C ASN F 56 47.38 14.77 -7.30
N ALA F 57 46.19 14.21 -7.44
CA ALA F 57 45.48 13.60 -6.34
C ALA F 57 45.86 12.13 -6.07
N GLU F 58 46.82 11.58 -6.82
CA GLU F 58 47.26 10.20 -6.58
C GLU F 58 48.75 10.09 -6.77
N ARG F 59 49.33 9.11 -6.07
CA ARG F 59 50.70 8.65 -6.28
C ARG F 59 50.63 7.12 -6.26
N ARG F 60 50.91 6.51 -7.40
N ARG F 60 50.83 6.51 -7.42
CA ARG F 60 50.88 5.07 -7.57
CA ARG F 60 50.85 5.05 -7.54
C ARG F 60 52.32 4.57 -7.69
C ARG F 60 52.29 4.59 -7.65
N PHE F 61 52.67 3.62 -6.82
CA PHE F 61 54.02 3.08 -6.78
C PHE F 61 53.99 1.59 -7.08
N VAL F 62 55.08 1.13 -7.67
CA VAL F 62 55.35 -0.30 -7.71
C VAL F 62 56.53 -0.58 -6.78
N VAL F 63 56.60 -1.82 -6.32
CA VAL F 63 57.65 -2.28 -5.43
C VAL F 63 58.48 -3.29 -6.21
N GLU F 64 59.80 -3.09 -6.23
CA GLU F 64 60.70 -3.98 -6.93
C GLU F 64 61.79 -4.48 -5.99
N ASP F 65 62.30 -5.67 -6.25
CA ASP F 65 63.47 -6.16 -5.54
C ASP F 65 64.76 -5.72 -6.27
N ALA F 66 65.92 -6.14 -5.77
CA ALA F 66 67.19 -5.74 -6.36
C ALA F 66 67.40 -6.24 -7.78
N GLN F 67 66.77 -7.37 -8.13
CA GLN F 67 66.83 -7.94 -9.47
C GLN F 67 65.73 -7.39 -10.42
N LYS F 68 64.99 -6.36 -9.97
CA LYS F 68 63.91 -5.73 -10.73
C LYS F 68 62.67 -6.60 -10.92
N ASN F 69 62.48 -7.63 -10.09
CA ASN F 69 61.23 -8.36 -10.06
C ASN F 69 60.19 -7.46 -9.39
N LEU F 70 59.00 -7.40 -9.97
CA LEU F 70 57.89 -6.68 -9.38
C LEU F 70 57.24 -7.52 -8.25
N ILE F 71 57.23 -6.93 -7.07
CA ILE F 71 56.79 -7.55 -5.82
C ILE F 71 55.34 -7.17 -5.51
N GLY F 72 54.93 -5.94 -5.83
CA GLY F 72 53.66 -5.44 -5.34
C GLY F 72 53.43 -4.01 -5.72
N LEU F 73 52.38 -3.44 -5.15
CA LEU F 73 51.93 -2.08 -5.46
C LEU F 73 51.59 -1.36 -4.18
N VAL F 74 51.86 -0.09 -4.13
CA VAL F 74 51.48 0.77 -2.98
C VAL F 74 50.92 2.04 -3.57
N GLU F 75 49.76 2.49 -3.11
CA GLU F 75 49.17 3.70 -3.68
C GLU F 75 48.62 4.60 -2.61
N LEU F 76 48.74 5.90 -2.89
CA LEU F 76 48.12 6.97 -2.11
C LEU F 76 47.14 7.65 -3.06
N ILE F 77 45.85 7.62 -2.72
CA ILE F 77 44.80 8.10 -3.61
C ILE F 77 43.91 9.09 -2.86
N GLU F 78 43.10 9.82 -3.60
CA GLU F 78 42.18 10.81 -3.02
C GLU F 78 42.95 11.80 -2.14
N ILE F 79 44.14 12.20 -2.60
CA ILE F 79 44.94 13.14 -1.83
C ILE F 79 44.27 14.49 -1.89
N ASN F 80 43.97 15.06 -0.72
CA ASN F 80 43.27 16.34 -0.61
C ASN F 80 44.25 17.27 0.09
N TYR F 81 44.55 18.40 -0.53
CA TYR F 81 45.63 19.28 0.00
C TYR F 81 45.12 20.42 0.84
N ILE F 82 43.83 20.47 1.15
CA ILE F 82 43.32 21.38 2.21
C ILE F 82 43.19 20.60 3.51
N HIS F 83 42.48 19.47 3.45
CA HIS F 83 42.35 18.58 4.63
C HIS F 83 43.62 17.79 4.90
N ARG F 84 44.48 17.71 3.91
N ARG F 84 44.50 17.71 3.89
CA ARG F 84 45.77 17.03 4.03
CA ARG F 84 45.79 16.99 3.99
C ARG F 84 45.61 15.56 4.40
C ARG F 84 45.61 15.55 4.41
N SER F 85 44.72 14.90 3.68
CA SER F 85 44.47 13.47 3.90
C SER F 85 44.61 12.70 2.62
N ALA F 86 44.80 11.39 2.76
CA ALA F 86 44.86 10.47 1.61
C ALA F 86 44.50 9.08 2.07
N GLU F 87 44.02 8.28 1.12
CA GLU F 87 43.75 6.88 1.33
C GLU F 87 44.95 6.04 0.85
N PHE F 88 45.36 5.10 1.69
CA PHE F 88 46.46 4.18 1.41
C PHE F 88 45.93 2.81 1.00
N GLN F 89 46.59 2.18 0.05
N GLN F 89 46.58 2.18 0.01
CA GLN F 89 46.31 0.78 -0.29
CA GLN F 89 46.27 0.80 -0.44
C GLN F 89 47.61 0.09 -0.69
C GLN F 89 47.59 0.08 -0.73
N ILE F 90 47.67 -1.21 -0.40
CA ILE F 90 48.84 -2.04 -0.70
C ILE F 90 48.42 -3.42 -1.17
N ILE F 91 49.15 -3.93 -2.17
CA ILE F 91 49.05 -5.33 -2.61
C ILE F 91 50.47 -5.91 -2.68
N ILE F 92 50.61 -7.08 -2.12
N ILE F 92 50.60 -7.09 -2.13
CA ILE F 92 51.83 -7.88 -2.34
CA ILE F 92 51.75 -7.96 -2.34
C ILE F 92 51.37 -9.05 -3.22
C ILE F 92 51.33 -9.08 -3.27
N ALA F 93 52.13 -9.31 -4.30
CA ALA F 93 51.80 -10.42 -5.22
C ALA F 93 51.80 -11.73 -4.45
N PRO F 94 50.87 -12.66 -4.79
CA PRO F 94 50.75 -13.91 -4.03
C PRO F 94 52.09 -14.64 -3.80
N GLU F 95 52.95 -14.69 -4.80
N GLU F 95 52.91 -14.69 -4.84
CA GLU F 95 54.22 -15.42 -4.65
CA GLU F 95 54.22 -15.33 -4.77
C GLU F 95 55.19 -14.73 -3.67
C GLU F 95 55.09 -14.79 -3.61
N HIS F 96 54.94 -13.49 -3.30
CA HIS F 96 55.82 -12.77 -2.36
C HIS F 96 55.17 -12.49 -1.00
N GLN F 97 53.94 -12.95 -0.82
CA GLN F 97 53.22 -12.77 0.45
C GLN F 97 53.85 -13.73 1.45
N GLY F 98 53.88 -13.32 2.71
CA GLY F 98 54.40 -14.16 3.78
C GLY F 98 55.92 -14.17 3.87
N LYS F 99 56.57 -13.18 3.23
CA LYS F 99 58.02 -13.01 3.30
C LYS F 99 58.44 -11.85 4.21
N GLY F 100 57.49 -11.25 4.92
CA GLY F 100 57.79 -10.21 5.89
C GLY F 100 58.01 -8.83 5.32
N PHE F 101 57.57 -8.57 4.08
CA PHE F 101 57.80 -7.30 3.41
C PHE F 101 56.83 -6.18 3.86
N ALA F 102 55.64 -6.59 4.29
CA ALA F 102 54.54 -5.62 4.33
C ALA F 102 54.78 -4.49 5.30
N ARG F 103 55.29 -4.71 6.50
N ARG F 103 55.31 -4.71 6.51
CA ARG F 103 55.52 -3.64 7.45
CA ARG F 103 55.62 -3.60 7.47
C ARG F 103 56.40 -2.61 6.92
C ARG F 103 56.57 -2.56 6.93
N THR F 104 57.46 -3.06 6.30
N THR F 104 57.65 -2.99 6.31
CA THR F 104 58.42 -2.12 5.79
CA THR F 104 58.58 -2.03 5.79
C THR F 104 57.79 -1.22 4.72
C THR F 104 57.89 -1.20 4.68
N LEU F 105 57.02 -1.83 3.82
CA LEU F 105 56.35 -1.08 2.75
C LEU F 105 55.32 -0.14 3.27
N ILE F 106 54.53 -0.54 4.26
CA ILE F 106 53.55 0.34 4.89
C ILE F 106 54.29 1.56 5.47
N ASN F 107 55.38 1.27 6.22
CA ASN F 107 56.11 2.39 6.83
C ASN F 107 56.71 3.32 5.78
N ARG F 108 57.17 2.78 4.68
CA ARG F 108 57.69 3.59 3.61
C ARG F 108 56.61 4.52 2.98
N ALA F 109 55.42 3.97 2.83
CA ALA F 109 54.31 4.77 2.30
C ALA F 109 53.92 5.88 3.25
N LEU F 110 53.93 5.59 4.55
CA LEU F 110 53.67 6.62 5.54
C LEU F 110 54.78 7.67 5.55
N ASP F 111 56.02 7.23 5.44
CA ASP F 111 57.13 8.15 5.31
C ASP F 111 56.97 9.10 4.15
N TYR F 112 56.57 8.57 3.00
CA TYR F 112 56.37 9.41 1.81
C TYR F 112 55.25 10.44 2.12
N SER F 113 54.15 9.94 2.67
CA SER F 113 52.99 10.78 2.98
C SER F 113 53.34 11.93 3.92
N PHE F 114 54.11 11.64 4.96
CA PHE F 114 54.31 12.57 6.05
C PHE F 114 55.58 13.40 5.96
N THR F 115 56.61 12.89 5.28
CA THR F 115 57.90 13.57 5.16
C THR F 115 58.13 14.23 3.82
N ILE F 116 57.37 13.82 2.78
N ILE F 116 57.41 13.81 2.79
CA ILE F 116 57.50 14.41 1.45
CA ILE F 116 57.51 14.41 1.47
C ILE F 116 56.23 15.18 1.09
C ILE F 116 56.23 15.19 1.13
N LEU F 117 55.06 14.54 1.15
CA LEU F 117 53.82 15.22 0.76
C LEU F 117 53.26 16.12 1.85
N ASN F 118 53.80 16.03 3.08
CA ASN F 118 53.37 16.93 4.17
C ASN F 118 51.91 16.77 4.48
N LEU F 119 51.43 15.54 4.47
CA LEU F 119 50.03 15.25 4.80
C LEU F 119 49.83 15.15 6.31
N HIS F 120 48.61 15.28 6.74
CA HIS F 120 48.16 15.20 8.13
C HIS F 120 47.60 13.85 8.51
N LYS F 121 46.88 13.18 7.61
CA LYS F 121 46.15 11.96 7.95
C LYS F 121 46.20 10.99 6.79
N ILE F 122 46.52 9.73 7.11
CA ILE F 122 46.38 8.61 6.15
C ILE F 122 45.35 7.66 6.73
N TYR F 123 44.41 7.24 5.88
CA TYR F 123 43.39 6.27 6.27
C TYR F 123 43.34 5.11 5.28
N LEU F 124 42.71 4.03 5.70
CA LEU F 124 42.55 2.84 4.87
C LEU F 124 41.27 2.13 5.23
N HIS F 125 40.84 1.24 4.35
CA HIS F 125 39.70 0.36 4.58
C HIS F 125 40.16 -1.08 4.49
N VAL F 126 39.66 -1.90 5.39
CA VAL F 126 40.01 -3.33 5.46
C VAL F 126 38.81 -4.13 5.93
N ALA F 127 38.53 -5.24 5.26
CA ALA F 127 37.38 -6.08 5.63
C ALA F 127 37.52 -6.59 7.06
N VAL F 128 36.39 -6.58 7.79
N VAL F 128 36.41 -6.51 7.78
CA VAL F 128 36.41 -7.09 9.16
CA VAL F 128 36.32 -7.06 9.13
C VAL F 128 36.71 -8.59 9.20
C VAL F 128 36.70 -8.55 9.18
N GLU F 129 36.41 -9.29 8.10
CA GLU F 129 36.71 -10.70 7.98
C GLU F 129 38.18 -10.99 7.60
N ASN F 130 39.03 -9.97 7.62
CA ASN F 130 40.47 -10.14 7.42
C ASN F 130 41.19 -9.62 8.65
N PRO F 131 40.99 -10.26 9.79
CA PRO F 131 41.62 -9.81 11.02
C PRO F 131 43.15 -9.80 11.02
N LYS F 132 43.79 -10.66 10.23
CA LYS F 132 45.25 -10.64 10.17
C LYS F 132 45.76 -9.32 9.59
N ALA F 133 45.05 -8.80 8.62
CA ALA F 133 45.40 -7.51 8.02
C ALA F 133 45.13 -6.37 9.01
N VAL F 134 43.97 -6.42 9.68
CA VAL F 134 43.66 -5.44 10.72
C VAL F 134 44.81 -5.36 11.72
N HIS F 135 45.24 -6.54 12.18
CA HIS F 135 46.31 -6.61 13.14
C HIS F 135 47.62 -6.05 12.63
N LEU F 136 47.97 -6.34 11.41
CA LEU F 136 49.21 -5.79 10.82
C LEU F 136 49.12 -4.25 10.79
N TYR F 137 47.98 -3.70 10.36
CA TYR F 137 47.87 -2.25 10.32
C TYR F 137 47.96 -1.63 11.72
N GLU F 138 47.38 -2.31 12.73
CA GLU F 138 47.52 -1.85 14.12
C GLU F 138 48.98 -1.81 14.57
N GLU F 139 49.75 -2.83 14.21
CA GLU F 139 51.18 -2.85 14.54
C GLU F 139 51.93 -1.68 13.93
N CYS F 140 51.47 -1.21 12.78
CA CYS F 140 52.07 -0.06 12.09
C CYS F 140 51.55 1.29 12.58
N GLY F 141 50.67 1.29 13.57
CA GLY F 141 50.20 2.52 14.19
C GLY F 141 48.80 2.98 13.79
N PHE F 142 48.15 2.26 12.90
CA PHE F 142 46.77 2.57 12.53
C PHE F 142 45.81 2.18 13.65
N VAL F 143 44.75 2.95 13.80
N VAL F 143 44.74 2.95 13.79
CA VAL F 143 43.68 2.70 14.78
CA VAL F 143 43.67 2.54 14.70
C VAL F 143 42.32 2.75 14.09
C VAL F 143 42.32 2.73 14.06
N GLU F 144 41.39 1.91 14.52
CA GLU F 144 40.03 1.93 14.01
C GLU F 144 39.32 3.23 14.39
N GLU F 145 38.72 3.85 13.38
CA GLU F 145 37.81 5.00 13.55
C GLU F 145 36.41 4.75 13.03
N GLY F 146 36.18 3.64 12.32
CA GLY F 146 34.83 3.28 11.89
C GLY F 146 34.72 1.81 11.63
N HIS F 147 33.49 1.33 11.70
CA HIS F 147 33.12 -0.04 11.37
C HIS F 147 31.92 0.14 10.44
N LEU F 148 32.23 0.17 9.14
CA LEU F 148 31.25 0.57 8.13
C LEU F 148 30.41 -0.63 7.76
N VAL F 149 29.08 -0.49 7.95
CA VAL F 149 28.15 -1.59 7.90
C VAL F 149 27.68 -1.85 6.46
N GLU F 150 27.92 -3.07 5.97
CA GLU F 150 27.46 -3.45 4.64
C GLU F 150 27.91 -2.43 3.59
N GLU F 151 29.18 -2.00 3.72
CA GLU F 151 29.72 -0.97 2.83
C GLU F 151 29.95 -1.44 1.40
N PHE F 152 30.41 -2.68 1.25
CA PHE F 152 30.82 -3.18 -0.06
C PHE F 152 30.19 -4.54 -0.33
N PHE F 153 29.79 -4.77 -1.57
CA PHE F 153 29.34 -6.07 -2.03
C PHE F 153 30.55 -6.81 -2.55
N ILE F 154 30.93 -7.89 -1.84
CA ILE F 154 32.16 -8.62 -2.14
C ILE F 154 31.81 -10.09 -2.06
N ASN F 155 32.09 -10.81 -3.14
CA ASN F 155 31.89 -12.28 -3.16
C ASN F 155 30.48 -12.69 -2.73
N GLY F 156 29.47 -12.03 -3.30
CA GLY F 156 28.12 -12.50 -3.12
C GLY F 156 27.34 -12.01 -1.91
N ARG F 157 27.91 -11.09 -1.12
N ARG F 157 27.94 -11.12 -1.11
CA ARG F 157 27.21 -10.56 0.05
CA ARG F 157 27.22 -10.52 0.03
C ARG F 157 27.78 -9.22 0.40
C ARG F 157 27.82 -9.20 0.42
N TYR F 158 27.02 -8.43 1.14
CA TYR F 158 27.53 -7.18 1.67
C TYR F 158 28.38 -7.44 2.90
N GLN F 159 29.53 -6.78 2.93
CA GLN F 159 30.53 -6.96 3.97
C GLN F 159 30.80 -5.65 4.70
N ASP F 160 31.17 -5.82 5.97
CA ASP F 160 31.56 -4.71 6.80
C ASP F 160 33.08 -4.49 6.67
N VAL F 161 33.51 -3.24 6.81
CA VAL F 161 34.93 -2.89 6.77
C VAL F 161 35.30 -2.00 7.93
N LYS F 162 36.53 -2.13 8.41
CA LYS F 162 37.07 -1.12 9.31
C LYS F 162 37.66 0.01 8.48
N ARG F 163 37.44 1.25 8.94
CA ARG F 163 38.21 2.40 8.48
C ARG F 163 39.24 2.66 9.60
N MET F 164 40.51 2.74 9.21
CA MET F 164 41.60 2.89 10.16
C MET F 164 42.45 4.09 9.75
N TYR F 165 43.11 4.73 10.71
CA TYR F 165 43.87 5.95 10.39
C TYR F 165 45.13 6.06 11.21
N ILE F 166 46.03 6.91 10.73
CA ILE F 166 47.17 7.38 11.49
C ILE F 166 47.41 8.84 11.10
N LEU F 167 47.80 9.64 12.10
CA LEU F 167 48.13 11.06 11.89
C LEU F 167 49.63 11.30 11.80
N GLN F 168 49.99 12.40 11.14
CA GLN F 168 51.39 12.82 10.98
C GLN F 168 52.08 12.92 12.36
N SER F 169 51.38 13.50 13.32
CA SER F 169 51.93 13.67 14.68
C SER F 169 52.28 12.33 15.32
N LYS F 170 51.43 11.35 15.17
CA LYS F 170 51.70 10.02 15.73
C LYS F 170 52.89 9.37 15.04
N TYR F 171 52.93 9.47 13.72
CA TYR F 171 54.04 8.88 12.93
C TYR F 171 55.38 9.51 13.30
N LEU F 172 55.41 10.84 13.41
CA LEU F 172 56.64 11.55 13.75
C LEU F 172 56.92 11.55 15.25
N ASN F 173 56.03 11.03 16.08
CA ASN F 173 56.14 10.92 17.52
C ASN F 173 55.92 12.28 18.27
N ARG F 174 55.15 13.17 17.67
CA ARG F 174 54.91 14.53 18.20
C ARG F 174 53.78 14.52 19.24
#